data_2HQA
#
_entry.id   2HQA
#
_cell.length_a   83.112
_cell.length_b   98.264
_cell.length_c   139.475
_cell.angle_alpha   90.00
_cell.angle_beta   90.00
_cell.angle_gamma   90.00
#
_symmetry.space_group_name_H-M   'P 21 21 21'
#
loop_
_entity.id
_entity.type
_entity.pdbx_description
1 polymer 'DNA polymerase III alpha subunit'
2 non-polymer 'PHOSPHATE ION'
3 water water
#
_entity_poly.entity_id   1
_entity_poly.type   'polypeptide(L)'
_entity_poly.pdbx_seq_one_letter_code
;MSEPRFVHLRVHSDYS(MSE)IDGLAKTAPLVKKAAALG(MSE)PALAITDFTNLCGLVKFYGAGHGAGIKPIVGADFNV
QCDLLGDELTHLTVLAANNTGYQNLTLLISKAYQRGYGAAGPIIDRDWLIELNEGLILLSGGR(MSE)GDVGRSLLRGNS
ALVDECVAFYEEHFPDRYFLELIRTGRPDEESYLHAAVELAEARGLPVVATNDVRFIDSSDFDAHEIRVAIHDGFTLDDP
KRPRNYSPQQY(MSE)RSEEE(MSE)CELFADIPEALANTVEIAKRCNVTVRLGEYFLPQFPTGD(MSE)STEDYLVKRA
KEGLEERLAFLFPDEEERLKRRPEYDERLETELQVINQ(MSE)GFPGYFLIV(MSE)EFIQWSKDNGVPVGPGRGSGAGS
LVAYALKITDLDPLEFDLLFERFLNPERVS(MSE)PDFDVDFC(MSE)EKRDQVIEHVAD(MSE)YGRDAVSQIITFGT
(MSE)AAKAVIRDVGRVLGHPYGFVDRISKLIPPDPG(MSE)TLAKAFEAEPQLPEIYEADEEVKALID(MSE)ARKLEG
VTRNAGKHAGGVVIAPTKITDFAPLYCDEEGKHPVTQFDKSDVEYAGLVKFDFLGLRTLTIINWALE(MSE)INKRRAKN
GEPPLDIAAIPLDDKKSFD(MSE)LQRSETTAVFQLESRG(MSE)KDLIKRLQPDCFED(MSE)IALVALFRPGPLQSG
(MSE)VDNFIDRKHGREEISYPDVQWQHESLKPVLEPTYGIILYQEQV(MSE)QIAQVLSGYTLGGAD(MSE)LRRA
(MSE)GKKKPEE(MSE)AKQRSVFAEGAEKNGINAELA(MSE)KIFDLVEKFAGYGFNKSHSAAYALVSYQTLWLKAHYP
AEF(MSE)AAV(MSE)TAD(MSE)DNTEKVVGLVDECWR(MSE)GLKILPPDINSGLYHFHVNDDGEIVYGIGAIKGVGE
GPIEAIIEARNKGGYFRELFDLCARTDTKKLNRRVLEKLI(MSE)SGAFDRLGPHRAAL(MSE)NSLGDALKAADQHAKA
EA
;
_entity_poly.pdbx_strand_id   A
#
loop_
_chem_comp.id
_chem_comp.type
_chem_comp.name
_chem_comp.formula
PO4 non-polymer 'PHOSPHATE ION' 'O4 P -3'
#
# COMPACT_ATOMS: atom_id res chain seq x y z
N SER A 2 30.28 -7.01 -33.42
CA SER A 2 30.65 -5.58 -33.59
C SER A 2 29.50 -4.70 -33.07
N GLU A 3 28.27 -5.18 -33.27
CA GLU A 3 27.12 -4.72 -32.49
C GLU A 3 25.98 -5.76 -32.40
N PRO A 4 24.75 -5.34 -32.00
CA PRO A 4 23.85 -6.37 -31.46
C PRO A 4 23.50 -7.51 -32.44
N ARG A 5 23.73 -8.75 -32.01
CA ARG A 5 23.30 -9.90 -32.77
C ARG A 5 21.94 -10.47 -32.34
N PHE A 6 21.61 -10.37 -31.05
CA PHE A 6 20.43 -11.03 -30.52
C PHE A 6 19.92 -10.34 -29.26
N VAL A 7 18.61 -10.14 -29.18
CA VAL A 7 17.92 -9.75 -27.96
C VAL A 7 16.82 -10.79 -27.67
N HIS A 8 16.46 -10.95 -26.40
CA HIS A 8 15.50 -11.95 -25.97
C HIS A 8 14.09 -11.39 -26.11
N LEU A 9 13.23 -12.10 -26.84
CA LEU A 9 11.86 -11.62 -27.05
C LEU A 9 10.82 -12.44 -26.34
N ARG A 10 11.26 -13.47 -25.64
CA ARG A 10 10.30 -14.29 -24.90
C ARG A 10 10.92 -14.70 -23.57
N VAL A 11 10.36 -14.16 -22.49
CA VAL A 11 10.96 -14.25 -21.18
C VAL A 11 9.87 -14.08 -20.14
N HIS A 12 9.78 -15.00 -19.17
CA HIS A 12 8.82 -14.82 -18.05
C HIS A 12 9.58 -14.42 -16.80
N SER A 13 8.99 -13.52 -16.02
CA SER A 13 9.44 -13.33 -14.67
C SER A 13 8.46 -14.04 -13.74
N ASP A 14 8.62 -13.86 -12.44
CA ASP A 14 7.67 -14.54 -11.57
C ASP A 14 6.27 -13.94 -11.59
N TYR A 15 6.05 -12.78 -12.17
CA TYR A 15 4.68 -12.29 -12.30
C TYR A 15 3.80 -13.16 -13.19
N SER A 16 4.41 -14.06 -13.95
CA SER A 16 3.66 -15.04 -14.70
C SER A 16 2.84 -15.96 -13.80
N MSE A 17 3.34 -16.20 -12.59
CA MSE A 17 2.61 -16.96 -11.55
C MSE A 17 2.48 -18.43 -11.86
O MSE A 17 2.70 -19.26 -11.01
CB MSE A 17 1.27 -16.29 -11.19
CG MSE A 17 1.54 -14.90 -10.66
SE MSE A 17 0.05 -13.87 -9.97
CE MSE A 17 -1.27 -13.79 -11.39
N ILE A 18 2.16 -18.72 -13.10
CA ILE A 18 2.05 -20.05 -13.66
C ILE A 18 3.43 -20.71 -13.58
N ASP A 19 4.45 -19.88 -13.75
CA ASP A 19 5.84 -20.31 -13.83
C ASP A 19 6.68 -19.05 -13.71
N GLY A 20 7.99 -19.16 -13.92
CA GLY A 20 8.94 -18.06 -13.80
C GLY A 20 9.54 -18.11 -12.43
N LEU A 21 10.69 -17.45 -12.27
CA LEU A 21 11.45 -17.53 -11.03
C LEU A 21 11.95 -16.15 -10.66
N ALA A 22 12.67 -15.51 -11.59
CA ALA A 22 13.40 -14.30 -11.26
C ALA A 22 12.47 -13.12 -11.30
N LYS A 23 12.70 -12.13 -10.45
CA LYS A 23 11.89 -10.92 -10.51
C LYS A 23 12.35 -10.02 -11.69
N THR A 24 11.66 -8.89 -11.87
CA THR A 24 11.80 -7.99 -13.01
C THR A 24 13.15 -7.26 -13.05
N ALA A 25 13.56 -6.66 -11.94
CA ALA A 25 14.89 -6.04 -11.90
C ALA A 25 16.09 -7.02 -12.17
N PRO A 26 16.18 -8.17 -11.49
CA PRO A 26 17.27 -9.08 -11.84
C PRO A 26 17.30 -9.52 -13.31
N LEU A 27 16.15 -9.68 -13.96
CA LEU A 27 16.24 -10.03 -15.39
C LEU A 27 16.89 -8.91 -16.19
N VAL A 28 16.49 -7.66 -15.86
CA VAL A 28 17.01 -6.47 -16.56
C VAL A 28 18.54 -6.39 -16.35
N LYS A 29 19.03 -6.64 -15.14
CA LYS A 29 20.46 -6.59 -14.90
C LYS A 29 21.14 -7.69 -15.69
N LYS A 30 20.51 -8.87 -15.74
CA LYS A 30 21.12 -9.99 -16.45
C LYS A 30 21.28 -9.61 -17.90
N ALA A 31 20.26 -8.99 -18.47
CA ALA A 31 20.29 -8.65 -19.87
C ALA A 31 21.37 -7.63 -20.07
N ALA A 32 21.48 -6.68 -19.14
CA ALA A 32 22.50 -5.64 -19.19
C ALA A 32 23.89 -6.23 -19.08
N ALA A 33 24.05 -7.23 -18.21
CA ALA A 33 25.39 -7.79 -18.02
C ALA A 33 25.78 -8.60 -19.25
N LEU A 34 24.78 -9.09 -19.99
CA LEU A 34 25.03 -9.79 -21.26
C LEU A 34 25.26 -8.81 -22.40
N GLY A 35 25.18 -7.51 -22.08
CA GLY A 35 25.46 -6.46 -23.03
C GLY A 35 24.40 -6.32 -24.10
N MSE A 36 23.15 -6.64 -23.77
CA MSE A 36 22.07 -6.45 -24.73
C MSE A 36 21.45 -5.05 -24.63
O MSE A 36 21.39 -4.49 -23.54
CB MSE A 36 21.02 -7.55 -24.56
CG MSE A 36 21.56 -8.92 -24.98
SE MSE A 36 20.64 -10.45 -24.16
CE MSE A 36 18.74 -9.85 -24.37
N PRO A 37 21.04 -4.45 -25.76
CA PRO A 37 20.42 -3.13 -25.73
C PRO A 37 18.94 -3.13 -25.39
N ALA A 38 18.35 -4.32 -25.28
CA ALA A 38 16.90 -4.46 -25.26
C ALA A 38 16.47 -5.79 -24.65
N LEU A 39 15.19 -5.92 -24.35
CA LEU A 39 14.70 -7.02 -23.53
C LEU A 39 13.18 -6.99 -23.40
N ALA A 40 12.52 -7.98 -24.00
CA ALA A 40 11.10 -8.21 -23.76
C ALA A 40 10.89 -9.12 -22.54
N ILE A 41 9.97 -8.72 -21.67
CA ILE A 41 9.44 -9.61 -20.68
C ILE A 41 7.99 -9.78 -21.11
N THR A 42 7.62 -11.02 -21.40
CA THR A 42 6.35 -11.30 -21.97
C THR A 42 5.61 -12.21 -21.02
N ASP A 43 5.27 -11.72 -19.84
CA ASP A 43 4.63 -12.55 -18.83
C ASP A 43 3.27 -13.06 -19.31
N PHE A 44 2.75 -14.06 -18.61
CA PHE A 44 1.61 -14.77 -19.05
C PHE A 44 0.29 -14.04 -18.85
N THR A 45 -0.25 -13.50 -19.95
CA THR A 45 -1.50 -12.77 -19.91
C THR A 45 -1.54 -11.64 -18.89
N ASN A 46 -0.42 -11.02 -18.54
CA ASN A 46 -0.45 -9.86 -17.65
C ASN A 46 0.77 -8.98 -17.84
N LEU A 47 0.71 -7.79 -17.27
CA LEU A 47 1.74 -6.76 -17.42
C LEU A 47 2.06 -6.22 -16.02
N CYS A 48 1.94 -7.11 -15.01
CA CYS A 48 2.08 -6.73 -13.62
C CYS A 48 3.42 -6.05 -13.34
N GLY A 49 4.47 -6.57 -13.96
CA GLY A 49 5.80 -6.06 -13.75
C GLY A 49 6.21 -4.89 -14.64
N LEU A 50 5.26 -4.31 -15.37
CA LEU A 50 5.60 -3.32 -16.43
C LEU A 50 6.25 -2.04 -15.92
N VAL A 51 5.61 -1.40 -14.95
CA VAL A 51 6.17 -0.23 -14.30
C VAL A 51 7.58 -0.53 -13.71
N LYS A 52 7.75 -1.71 -13.12
CA LYS A 52 9.07 -2.06 -12.54
C LYS A 52 10.08 -2.29 -13.65
N PHE A 53 9.61 -2.71 -14.82
CA PHE A 53 10.46 -3.00 -15.95
C PHE A 53 11.00 -1.66 -16.48
N TYR A 54 10.11 -0.71 -16.69
CA TYR A 54 10.53 0.63 -17.12
C TYR A 54 11.52 1.31 -16.17
N GLY A 55 11.20 1.32 -14.88
CA GLY A 55 12.15 1.81 -13.87
C GLY A 55 13.52 1.14 -13.93
N ALA A 56 13.56 -0.18 -13.92
CA ALA A 56 14.84 -0.91 -14.01
C ALA A 56 15.61 -0.70 -15.33
N GLY A 57 14.89 -0.64 -16.46
CA GLY A 57 15.53 -0.42 -17.77
C GLY A 57 16.25 0.91 -17.86
N HIS A 58 15.54 1.99 -17.50
CA HIS A 58 16.11 3.33 -17.39
C HIS A 58 17.45 3.21 -16.65
N GLY A 59 17.43 2.69 -15.43
CA GLY A 59 18.61 2.59 -14.59
C GLY A 59 19.77 1.80 -15.17
N ALA A 60 19.50 0.84 -16.04
CA ALA A 60 20.59 -0.01 -16.53
C ALA A 60 20.98 0.24 -18.00
N GLY A 61 20.27 1.15 -18.67
CA GLY A 61 20.48 1.40 -20.08
C GLY A 61 19.98 0.27 -20.97
N ILE A 62 18.85 -0.32 -20.64
CA ILE A 62 18.26 -1.32 -21.50
C ILE A 62 16.89 -0.75 -21.95
N LYS A 63 16.50 -0.97 -23.20
CA LYS A 63 15.18 -0.59 -23.62
C LYS A 63 14.17 -1.72 -23.38
N PRO A 64 13.09 -1.44 -22.63
CA PRO A 64 12.02 -2.40 -22.45
C PRO A 64 11.20 -2.59 -23.70
N ILE A 65 10.84 -3.84 -23.95
CA ILE A 65 9.90 -4.23 -24.97
C ILE A 65 8.71 -4.82 -24.20
N VAL A 66 7.59 -4.11 -24.24
CA VAL A 66 6.34 -4.59 -23.74
C VAL A 66 5.75 -5.70 -24.60
N GLY A 67 5.30 -6.75 -23.93
CA GLY A 67 4.59 -7.84 -24.54
C GLY A 67 4.03 -8.81 -23.50
N ALA A 68 3.27 -9.81 -23.96
CA ALA A 68 2.73 -10.81 -23.07
C ALA A 68 2.46 -12.09 -23.87
N ASP A 69 2.46 -13.23 -23.16
CA ASP A 69 2.09 -14.51 -23.75
C ASP A 69 0.64 -14.84 -23.55
N PHE A 70 0.08 -15.73 -24.34
CA PHE A 70 -1.35 -15.96 -24.27
C PHE A 70 -1.65 -17.40 -24.59
N ASN A 71 -2.71 -17.96 -24.01
CA ASN A 71 -3.33 -19.14 -24.57
C ASN A 71 -4.43 -18.68 -25.52
N VAL A 72 -4.43 -19.28 -26.71
CA VAL A 72 -5.30 -18.82 -27.75
C VAL A 72 -6.17 -19.95 -28.27
N GLN A 73 -7.37 -19.56 -28.68
CA GLN A 73 -8.42 -20.50 -28.98
C GLN A 73 -9.14 -20.07 -30.26
N CYS A 74 -9.26 -20.99 -31.21
CA CYS A 74 -10.04 -20.69 -32.36
C CYS A 74 -10.73 -21.93 -32.90
N ASP A 75 -11.84 -21.72 -33.59
CA ASP A 75 -12.61 -22.80 -34.17
C ASP A 75 -11.75 -23.79 -34.95
N LEU A 76 -10.78 -23.29 -35.70
CA LEU A 76 -9.92 -24.14 -36.51
C LEU A 76 -9.22 -25.28 -35.74
N LEU A 77 -8.82 -25.03 -34.51
CA LEU A 77 -8.12 -26.07 -33.76
C LEU A 77 -8.96 -26.80 -32.70
N GLY A 78 -10.23 -26.38 -32.59
CA GLY A 78 -11.20 -26.99 -31.69
C GLY A 78 -11.12 -26.43 -30.29
N ASP A 79 -11.00 -27.32 -29.30
CA ASP A 79 -10.86 -26.94 -27.89
C ASP A 79 -9.41 -26.89 -27.48
N GLU A 80 -8.53 -27.28 -28.41
CA GLU A 80 -7.09 -27.21 -28.19
C GLU A 80 -6.60 -25.73 -28.13
N LEU A 81 -5.99 -25.36 -27.01
CA LEU A 81 -5.47 -24.02 -26.84
C LEU A 81 -4.04 -23.93 -27.31
N THR A 82 -3.68 -22.79 -27.92
CA THR A 82 -2.39 -22.61 -28.55
C THR A 82 -1.63 -21.40 -28.00
N HIS A 83 -0.32 -21.35 -28.24
CA HIS A 83 0.49 -20.30 -27.66
C HIS A 83 0.71 -19.19 -28.65
N LEU A 84 0.60 -17.93 -28.21
CA LEU A 84 0.99 -16.81 -29.03
C LEU A 84 1.80 -15.83 -28.19
N THR A 85 2.70 -15.09 -28.82
CA THR A 85 3.35 -13.99 -28.09
C THR A 85 2.99 -12.72 -28.80
N VAL A 86 2.52 -11.75 -28.04
CA VAL A 86 2.18 -10.45 -28.62
C VAL A 86 3.12 -9.39 -28.09
N LEU A 87 3.77 -8.66 -29.00
CA LEU A 87 4.57 -7.51 -28.60
C LEU A 87 3.86 -6.22 -29.02
N ALA A 88 4.08 -5.17 -28.22
CA ALA A 88 3.57 -3.86 -28.51
C ALA A 88 4.65 -3.08 -29.22
N ALA A 89 4.51 -2.82 -30.52
CA ALA A 89 5.55 -2.06 -31.23
C ALA A 89 5.52 -0.55 -30.93
N ASN A 90 4.32 -0.04 -30.67
CA ASN A 90 4.15 1.38 -30.32
C ASN A 90 3.02 1.61 -29.30
N ASN A 91 2.70 2.87 -29.04
CA ASN A 91 1.67 3.11 -28.04
C ASN A 91 0.24 2.73 -28.47
N THR A 92 -0.09 2.79 -29.74
CA THR A 92 -1.37 2.23 -30.18
C THR A 92 -1.43 0.73 -29.85
N GLY A 93 -0.28 0.07 -29.99
CA GLY A 93 -0.12 -1.35 -29.76
C GLY A 93 -0.24 -1.66 -28.30
N TYR A 94 0.46 -0.89 -27.47
CA TYR A 94 0.38 -1.02 -26.04
C TYR A 94 -1.06 -0.97 -25.56
N GLN A 95 -1.87 -0.11 -26.19
CA GLN A 95 -3.26 -0.02 -25.81
C GLN A 95 -4.04 -1.28 -26.21
N ASN A 96 -3.88 -1.73 -27.44
CA ASN A 96 -4.57 -2.91 -27.87
C ASN A 96 -4.13 -4.11 -27.03
N LEU A 97 -2.83 -4.25 -26.78
CA LEU A 97 -2.34 -5.32 -25.93
C LEU A 97 -3.02 -5.28 -24.55
N THR A 98 -3.17 -4.08 -24.00
CA THR A 98 -3.86 -3.90 -22.72
C THR A 98 -5.31 -4.33 -22.82
N LEU A 99 -5.93 -4.04 -23.97
CA LEU A 99 -7.33 -4.37 -24.19
C LEU A 99 -7.54 -5.87 -24.30
N LEU A 100 -6.67 -6.53 -25.05
CA LEU A 100 -6.62 -7.99 -25.08
C LEU A 100 -6.65 -8.57 -23.68
N ILE A 101 -5.56 -8.40 -22.95
CA ILE A 101 -5.41 -8.99 -21.62
C ILE A 101 -6.68 -8.76 -20.82
N SER A 102 -7.26 -7.56 -20.91
CA SER A 102 -8.44 -7.28 -20.09
C SER A 102 -9.63 -8.08 -20.57
N LYS A 103 -9.64 -8.40 -21.86
CA LYS A 103 -10.75 -9.11 -22.47
C LYS A 103 -10.69 -10.59 -22.06
N ALA A 104 -9.47 -11.14 -22.00
CA ALA A 104 -9.30 -12.51 -21.54
C ALA A 104 -9.83 -12.67 -20.13
N TYR A 105 -9.42 -11.76 -19.25
CA TYR A 105 -9.85 -11.83 -17.86
C TYR A 105 -11.33 -11.56 -17.63
N GLN A 106 -11.91 -10.66 -18.40
CA GLN A 106 -13.28 -10.24 -18.12
C GLN A 106 -14.29 -11.33 -18.51
N ARG A 107 -13.85 -12.23 -19.38
CA ARG A 107 -14.66 -13.24 -19.98
C ARG A 107 -14.84 -14.35 -18.96
N GLY A 108 -13.98 -14.33 -17.94
CA GLY A 108 -13.95 -15.41 -16.97
C GLY A 108 -13.17 -16.57 -17.56
N TYR A 109 -12.99 -17.64 -16.80
CA TYR A 109 -12.18 -18.78 -17.23
C TYR A 109 -12.33 -19.94 -16.25
N GLY A 110 -11.78 -21.11 -16.60
CA GLY A 110 -11.88 -22.30 -15.77
C GLY A 110 -10.53 -22.77 -15.27
N ALA A 111 -10.39 -24.06 -15.04
CA ALA A 111 -9.12 -24.61 -14.59
C ALA A 111 -8.08 -24.25 -15.62
N ALA A 112 -8.52 -24.12 -16.88
CA ALA A 112 -7.56 -23.84 -17.97
C ALA A 112 -6.89 -22.47 -17.92
N GLY A 113 -7.44 -21.52 -17.17
CA GLY A 113 -6.87 -20.17 -17.12
C GLY A 113 -7.41 -19.22 -18.19
N PRO A 114 -7.09 -17.94 -18.04
CA PRO A 114 -7.62 -17.01 -19.04
C PRO A 114 -7.13 -17.36 -20.47
N ILE A 115 -8.02 -17.13 -21.44
CA ILE A 115 -7.77 -17.39 -22.83
C ILE A 115 -8.25 -16.21 -23.67
N ILE A 116 -7.65 -15.99 -24.83
CA ILE A 116 -8.21 -15.06 -25.84
C ILE A 116 -8.68 -15.86 -27.03
N ASP A 117 -9.73 -15.38 -27.68
CA ASP A 117 -10.13 -15.87 -28.98
C ASP A 117 -9.25 -15.20 -30.03
N ARG A 118 -8.69 -16.01 -30.94
CA ARG A 118 -7.95 -15.47 -32.10
C ARG A 118 -8.70 -14.33 -32.82
N ASP A 119 -10.01 -14.46 -33.03
CA ASP A 119 -10.79 -13.40 -33.72
C ASP A 119 -10.79 -12.01 -33.04
N TRP A 120 -10.53 -11.99 -31.73
CA TRP A 120 -10.25 -10.75 -31.01
C TRP A 120 -9.06 -9.98 -31.62
N LEU A 121 -8.08 -10.73 -32.13
CA LEU A 121 -6.94 -10.12 -32.81
C LEU A 121 -7.30 -9.43 -34.13
N ILE A 122 -8.59 -9.38 -34.49
CA ILE A 122 -8.99 -8.61 -35.67
C ILE A 122 -9.27 -7.15 -35.32
N GLU A 123 -10.00 -6.94 -34.23
CA GLU A 123 -10.30 -5.60 -33.78
C GLU A 123 -9.08 -5.05 -33.01
N LEU A 124 -8.42 -5.93 -32.27
CA LEU A 124 -7.33 -5.55 -31.39
C LEU A 124 -6.03 -5.86 -32.10
N ASN A 125 -5.61 -4.97 -32.99
CA ASN A 125 -4.66 -5.34 -34.04
C ASN A 125 -3.48 -4.40 -34.23
N GLU A 126 -3.79 -3.16 -34.52
CA GLU A 126 -2.79 -2.24 -34.94
C GLU A 126 -1.70 -2.15 -33.89
N GLY A 127 -0.45 -2.13 -34.34
CA GLY A 127 0.66 -1.80 -33.48
C GLY A 127 1.20 -2.99 -32.73
N LEU A 128 0.70 -4.18 -33.03
CA LEU A 128 1.15 -5.42 -32.41
C LEU A 128 2.02 -6.20 -33.39
N ILE A 129 3.02 -6.89 -32.84
CA ILE A 129 3.81 -7.86 -33.59
C ILE A 129 3.60 -9.23 -32.93
N LEU A 130 3.34 -10.28 -33.73
CA LEU A 130 3.04 -11.58 -33.15
C LEU A 130 4.14 -12.54 -33.40
N LEU A 131 4.47 -13.34 -32.40
CA LEU A 131 5.36 -14.49 -32.60
C LEU A 131 4.53 -15.80 -32.55
N SER A 132 4.83 -16.73 -33.44
CA SER A 132 3.96 -17.85 -33.75
C SER A 132 3.60 -18.72 -32.56
N GLY A 133 4.55 -18.98 -31.68
CA GLY A 133 4.33 -19.85 -30.53
C GLY A 133 5.06 -21.16 -30.72
N GLY A 134 5.89 -21.19 -31.75
CA GLY A 134 6.64 -22.39 -32.08
C GLY A 134 5.73 -23.60 -32.21
N ARG A 135 6.23 -24.74 -31.73
CA ARG A 135 5.53 -26.00 -31.81
C ARG A 135 4.15 -26.01 -31.14
N MSE A 136 3.86 -25.04 -30.26
CA MSE A 136 2.62 -25.01 -29.50
C MSE A 136 1.66 -23.96 -30.03
O MSE A 136 0.62 -23.70 -29.44
CB MSE A 136 2.88 -24.70 -28.03
CG MSE A 136 3.74 -25.74 -27.32
SE MSE A 136 2.81 -27.42 -27.29
CE MSE A 136 1.95 -27.25 -25.53
N GLY A 137 2.05 -23.34 -31.15
CA GLY A 137 1.18 -22.35 -31.81
C GLY A 137 0.23 -22.91 -32.87
N ASP A 138 -0.79 -22.11 -33.15
CA ASP A 138 -1.69 -22.22 -34.29
C ASP A 138 -1.05 -23.02 -35.41
N VAL A 139 0.03 -22.48 -35.94
CA VAL A 139 0.64 -22.99 -37.14
C VAL A 139 1.54 -24.20 -36.85
N GLY A 140 2.15 -24.23 -35.67
CA GLY A 140 3.11 -25.27 -35.36
C GLY A 140 2.47 -26.61 -35.14
N ARG A 141 1.32 -26.62 -34.47
CA ARG A 141 0.63 -27.85 -34.13
C ARG A 141 0.16 -28.47 -35.42
N SER A 142 -0.30 -27.63 -36.33
CA SER A 142 -0.82 -28.07 -37.60
C SER A 142 0.26 -28.57 -38.55
N LEU A 143 1.45 -27.98 -38.49
CA LEU A 143 2.57 -28.51 -39.26
C LEU A 143 2.86 -29.90 -38.77
N LEU A 144 2.84 -30.03 -37.44
CA LEU A 144 3.16 -31.30 -36.82
C LEU A 144 2.21 -32.40 -37.27
N ARG A 145 0.95 -32.02 -37.48
CA ARG A 145 -0.05 -32.95 -37.96
C ARG A 145 0.28 -33.54 -39.34
N GLY A 146 0.46 -32.65 -40.31
CA GLY A 146 0.65 -33.05 -41.69
C GLY A 146 -0.54 -32.57 -42.51
N ASN A 147 -1.36 -31.73 -41.87
CA ASN A 147 -2.56 -31.18 -42.47
C ASN A 147 -2.27 -29.87 -43.24
N SER A 148 -1.75 -29.99 -44.46
CA SER A 148 -1.40 -28.83 -45.29
C SER A 148 -2.51 -27.77 -45.29
N ALA A 149 -3.75 -28.24 -45.53
CA ALA A 149 -4.90 -27.32 -45.60
C ALA A 149 -5.01 -26.43 -44.36
N LEU A 150 -5.10 -27.06 -43.20
CA LEU A 150 -5.31 -26.33 -41.96
C LEU A 150 -4.23 -25.25 -41.73
N VAL A 151 -2.96 -25.62 -41.88
CA VAL A 151 -1.87 -24.67 -41.87
C VAL A 151 -2.26 -23.42 -42.69
N ASP A 152 -2.73 -23.65 -43.92
CA ASP A 152 -3.14 -22.56 -44.81
C ASP A 152 -4.26 -21.67 -44.28
N GLU A 153 -5.29 -22.25 -43.67
CA GLU A 153 -6.40 -21.42 -43.19
C GLU A 153 -5.97 -20.57 -41.99
N CYS A 154 -4.94 -21.04 -41.28
CA CYS A 154 -4.27 -20.27 -40.22
C CYS A 154 -3.39 -19.18 -40.80
N VAL A 155 -2.43 -19.60 -41.62
CA VAL A 155 -1.47 -18.69 -42.23
C VAL A 155 -2.19 -17.55 -42.95
N ALA A 156 -3.29 -17.87 -43.62
CA ALA A 156 -4.15 -16.86 -44.24
C ALA A 156 -4.58 -15.80 -43.22
N PHE A 157 -4.99 -16.24 -42.02
CA PHE A 157 -5.46 -15.30 -41.02
C PHE A 157 -4.42 -14.22 -40.69
N TYR A 158 -3.17 -14.64 -40.44
CA TYR A 158 -2.09 -13.68 -40.17
C TYR A 158 -1.70 -12.86 -41.42
N GLU A 159 -1.74 -13.48 -42.59
CA GLU A 159 -1.50 -12.74 -43.82
C GLU A 159 -2.55 -11.63 -43.99
N GLU A 160 -3.80 -11.94 -43.67
CA GLU A 160 -4.85 -10.94 -43.77
C GLU A 160 -4.69 -9.83 -42.73
N HIS A 161 -4.33 -10.19 -41.50
CA HIS A 161 -4.44 -9.23 -40.39
C HIS A 161 -3.15 -8.65 -39.78
N PHE A 162 -2.03 -9.35 -39.98
CA PHE A 162 -0.71 -8.92 -39.51
C PHE A 162 0.35 -9.04 -40.62
N PRO A 163 0.11 -8.41 -41.79
CA PRO A 163 0.98 -8.54 -42.95
C PRO A 163 2.50 -8.64 -42.74
N ASP A 164 3.14 -7.74 -42.01
CA ASP A 164 4.56 -7.92 -41.82
C ASP A 164 4.87 -7.92 -40.35
N ARG A 165 3.98 -8.57 -39.60
CA ARG A 165 3.90 -8.34 -38.22
C ARG A 165 3.68 -9.66 -37.50
N TYR A 166 3.92 -10.75 -38.22
CA TYR A 166 3.81 -12.11 -37.68
C TYR A 166 5.01 -13.02 -38.01
N PHE A 167 5.69 -13.53 -36.99
CA PHE A 167 6.96 -14.24 -37.19
C PHE A 167 6.87 -15.70 -36.83
N LEU A 168 7.38 -16.57 -37.69
CA LEU A 168 7.46 -17.96 -37.32
C LEU A 168 8.57 -18.14 -36.29
N GLU A 169 8.16 -18.33 -35.05
CA GLU A 169 9.05 -18.47 -33.91
C GLU A 169 9.77 -19.80 -33.88
N LEU A 170 11.10 -19.81 -33.81
CA LEU A 170 11.87 -21.06 -33.63
C LEU A 170 12.64 -21.09 -32.32
N ILE A 171 12.66 -22.27 -31.69
CA ILE A 171 13.13 -22.46 -30.32
C ILE A 171 13.93 -23.76 -30.29
N ARG A 172 15.12 -23.74 -29.69
CA ARG A 172 15.97 -24.91 -29.53
C ARG A 172 16.31 -25.04 -28.06
N THR A 173 15.45 -25.75 -27.35
CA THR A 173 15.66 -25.98 -25.93
C THR A 173 15.58 -27.46 -25.62
N GLY A 174 15.85 -28.29 -26.63
CA GLY A 174 15.95 -29.73 -26.43
C GLY A 174 14.67 -30.33 -25.92
N ARG A 175 13.54 -29.79 -26.36
CA ARG A 175 12.22 -30.27 -26.01
C ARG A 175 11.66 -31.04 -27.20
N PRO A 176 10.69 -31.95 -26.97
CA PRO A 176 10.21 -32.84 -28.04
C PRO A 176 9.38 -32.12 -29.08
N ASP A 177 9.43 -32.64 -30.31
CA ASP A 177 8.83 -32.02 -31.48
C ASP A 177 9.43 -30.66 -31.89
N GLU A 178 10.38 -30.11 -31.11
CA GLU A 178 10.92 -28.77 -31.37
C GLU A 178 11.69 -28.71 -32.68
N GLU A 179 12.46 -29.75 -32.96
CA GLU A 179 13.37 -29.72 -34.09
C GLU A 179 12.70 -30.14 -35.40
N SER A 180 11.62 -30.91 -35.26
CA SER A 180 10.71 -31.20 -36.38
C SER A 180 9.93 -29.95 -36.79
N TYR A 181 9.35 -29.26 -35.80
CA TYR A 181 8.61 -28.03 -36.06
C TYR A 181 9.47 -27.04 -36.83
N LEU A 182 10.58 -26.64 -36.22
CA LEU A 182 11.53 -25.74 -36.83
C LEU A 182 11.73 -26.14 -38.29
N HIS A 183 12.10 -27.40 -38.50
CA HIS A 183 12.41 -27.85 -39.85
C HIS A 183 11.24 -27.62 -40.81
N ALA A 184 10.03 -27.81 -40.32
CA ALA A 184 8.84 -27.55 -41.12
C ALA A 184 8.64 -26.06 -41.28
N ALA A 185 8.72 -25.32 -40.17
CA ALA A 185 8.48 -23.88 -40.19
C ALA A 185 9.42 -23.15 -41.15
N VAL A 186 10.65 -23.63 -41.19
CA VAL A 186 11.66 -23.08 -42.07
C VAL A 186 11.18 -23.27 -43.51
N GLU A 187 10.69 -24.48 -43.78
CA GLU A 187 10.15 -24.80 -45.08
C GLU A 187 8.89 -23.96 -45.33
N LEU A 188 8.07 -23.72 -44.31
CA LEU A 188 6.89 -22.87 -44.48
C LEU A 188 7.29 -21.44 -44.87
N ALA A 189 8.10 -20.79 -44.03
CA ALA A 189 8.58 -19.45 -44.31
C ALA A 189 9.16 -19.34 -45.70
N GLU A 190 10.14 -20.18 -46.01
CA GLU A 190 10.73 -20.24 -47.34
C GLU A 190 9.66 -20.22 -48.42
N ALA A 191 8.72 -21.16 -48.34
CA ALA A 191 7.68 -21.30 -49.35
C ALA A 191 6.69 -20.12 -49.34
N ARG A 192 6.11 -19.82 -48.18
CA ARG A 192 5.10 -18.76 -48.09
C ARG A 192 5.69 -17.36 -48.01
N GLY A 193 7.01 -17.26 -47.90
CA GLY A 193 7.71 -15.97 -47.74
C GLY A 193 7.28 -15.26 -46.46
N LEU A 194 7.44 -15.94 -45.33
CA LEU A 194 7.22 -15.32 -44.04
C LEU A 194 8.56 -15.31 -43.31
N PRO A 195 8.70 -14.43 -42.31
CA PRO A 195 9.96 -14.33 -41.61
C PRO A 195 10.06 -15.23 -40.38
N VAL A 196 11.26 -15.69 -40.07
CA VAL A 196 11.48 -16.46 -38.84
C VAL A 196 12.14 -15.64 -37.75
N VAL A 197 11.99 -16.11 -36.52
CA VAL A 197 12.66 -15.48 -35.41
C VAL A 197 13.06 -16.49 -34.36
N ALA A 198 14.26 -16.35 -33.80
CA ALA A 198 14.70 -17.21 -32.69
C ALA A 198 14.26 -16.64 -31.38
N THR A 199 13.85 -17.51 -30.49
CA THR A 199 13.50 -17.17 -29.14
C THR A 199 14.03 -18.29 -28.28
N ASN A 200 14.27 -18.00 -27.02
CA ASN A 200 14.75 -19.05 -26.15
C ASN A 200 13.76 -19.43 -25.08
N ASP A 201 12.55 -18.87 -25.14
CA ASP A 201 11.44 -19.23 -24.25
C ASP A 201 11.88 -19.28 -22.81
N VAL A 202 12.47 -18.18 -22.34
CA VAL A 202 13.24 -18.14 -21.09
C VAL A 202 12.37 -18.20 -19.86
N ARG A 203 12.80 -18.94 -18.85
CA ARG A 203 12.05 -19.01 -17.60
C ARG A 203 12.85 -18.67 -16.36
N PHE A 204 14.17 -18.66 -16.47
CA PHE A 204 14.99 -18.45 -15.30
C PHE A 204 16.34 -17.90 -15.77
N ILE A 205 17.07 -17.21 -14.89
CA ILE A 205 18.29 -16.61 -15.31
C ILE A 205 19.34 -17.66 -15.67
N ASP A 206 19.69 -18.52 -14.74
CA ASP A 206 20.76 -19.48 -14.95
C ASP A 206 20.25 -20.92 -15.09
N SER A 207 20.86 -21.64 -16.03
CA SER A 207 20.59 -23.06 -16.20
C SER A 207 20.41 -23.79 -14.88
N SER A 208 21.39 -23.63 -13.97
CA SER A 208 21.32 -24.27 -12.66
C SER A 208 20.06 -23.94 -11.81
N ASP A 209 19.30 -22.93 -12.20
CA ASP A 209 18.03 -22.62 -11.53
C ASP A 209 16.92 -23.57 -11.98
N PHE A 210 17.22 -24.48 -12.92
CA PHE A 210 16.20 -25.39 -13.47
C PHE A 210 15.38 -26.05 -12.34
N ASP A 211 16.08 -26.83 -11.52
CA ASP A 211 15.47 -27.50 -10.38
C ASP A 211 14.63 -26.57 -9.47
N ALA A 212 15.09 -25.35 -9.23
CA ALA A 212 14.27 -24.44 -8.42
C ALA A 212 12.95 -24.12 -9.14
N HIS A 213 13.01 -23.99 -10.46
CA HIS A 213 11.82 -23.62 -11.21
C HIS A 213 10.87 -24.81 -11.26
N GLU A 214 11.41 -26.01 -11.50
CA GLU A 214 10.60 -27.22 -11.45
C GLU A 214 9.81 -27.21 -10.14
N ILE A 215 10.50 -26.96 -9.03
CA ILE A 215 9.84 -26.99 -7.75
C ILE A 215 8.77 -25.87 -7.71
N ARG A 216 9.13 -24.70 -8.22
CA ARG A 216 8.20 -23.60 -8.26
C ARG A 216 6.90 -24.03 -9.01
N VAL A 217 7.06 -24.78 -10.09
CA VAL A 217 5.93 -25.20 -10.87
C VAL A 217 5.05 -26.26 -10.16
N ALA A 218 5.70 -27.21 -9.48
CA ALA A 218 4.99 -28.23 -8.77
C ALA A 218 4.16 -27.60 -7.66
N ILE A 219 4.66 -26.52 -7.11
CA ILE A 219 3.94 -25.94 -6.02
C ILE A 219 2.68 -25.36 -6.61
N HIS A 220 2.80 -24.64 -7.72
CA HIS A 220 1.62 -24.19 -8.41
C HIS A 220 0.69 -25.33 -8.88
N ASP A 221 1.24 -26.34 -9.54
CA ASP A 221 0.43 -27.40 -10.12
C ASP A 221 -0.14 -28.39 -9.09
N GLY A 222 0.36 -28.33 -7.86
CA GLY A 222 -0.11 -29.23 -6.81
C GLY A 222 0.42 -30.64 -6.87
N PHE A 223 1.59 -30.85 -7.47
CA PHE A 223 2.17 -32.18 -7.58
C PHE A 223 3.39 -32.32 -6.70
N THR A 224 3.77 -33.57 -6.44
CA THR A 224 5.07 -33.87 -5.86
C THR A 224 6.14 -33.98 -6.93
N LEU A 225 7.35 -33.52 -6.60
CA LEU A 225 8.43 -33.45 -7.57
C LEU A 225 8.52 -34.72 -8.39
N ASP A 226 8.46 -35.87 -7.72
CA ASP A 226 8.90 -37.13 -8.31
C ASP A 226 7.72 -38.01 -8.67
N ASP A 227 6.53 -37.41 -8.76
CA ASP A 227 5.38 -38.07 -9.28
C ASP A 227 5.56 -38.21 -10.79
N PRO A 228 5.49 -39.45 -11.30
CA PRO A 228 5.58 -39.78 -12.74
C PRO A 228 4.50 -39.13 -13.57
N LYS A 229 3.44 -38.67 -12.92
CA LYS A 229 2.32 -38.05 -13.63
C LYS A 229 2.50 -36.54 -13.76
N ARG A 230 3.50 -36.00 -13.05
CA ARG A 230 3.81 -34.58 -13.12
C ARG A 230 4.14 -34.16 -14.53
N PRO A 231 3.45 -33.11 -15.02
CA PRO A 231 3.77 -32.52 -16.32
C PRO A 231 5.18 -31.93 -16.23
N ARG A 232 6.00 -32.27 -17.22
CA ARG A 232 7.37 -31.84 -17.34
C ARG A 232 7.56 -31.11 -18.67
N ASN A 233 7.24 -29.82 -18.63
CA ASN A 233 7.18 -28.99 -19.82
C ASN A 233 8.35 -28.07 -19.92
N TYR A 234 9.38 -28.23 -19.08
CA TYR A 234 10.46 -27.27 -19.10
C TYR A 234 11.77 -27.97 -19.35
N SER A 235 12.77 -27.22 -19.80
CA SER A 235 14.08 -27.79 -20.04
C SER A 235 15.07 -26.86 -19.37
N PRO A 236 16.22 -27.42 -18.89
CA PRO A 236 17.36 -26.68 -18.32
C PRO A 236 17.87 -25.67 -19.29
N GLN A 237 17.52 -25.81 -20.56
CA GLN A 237 18.01 -24.87 -21.58
C GLN A 237 17.29 -23.51 -21.55
N GLN A 238 16.15 -23.44 -20.86
CA GLN A 238 15.34 -22.24 -20.91
C GLN A 238 15.85 -21.09 -19.99
N TYR A 239 17.14 -20.84 -20.07
CA TYR A 239 17.74 -19.84 -19.23
C TYR A 239 18.17 -18.61 -20.04
N MSE A 240 18.74 -17.65 -19.37
CA MSE A 240 19.01 -16.39 -20.00
C MSE A 240 20.28 -16.48 -20.83
O MSE A 240 21.28 -15.85 -20.49
CB MSE A 240 19.16 -15.35 -18.90
CG MSE A 240 19.03 -13.96 -19.37
SE MSE A 240 17.21 -13.45 -19.89
CE MSE A 240 17.82 -11.58 -19.84
N ARG A 241 20.24 -17.25 -21.92
CA ARG A 241 21.42 -17.47 -22.75
C ARG A 241 22.05 -16.19 -23.35
N SER A 242 23.37 -16.23 -23.57
CA SER A 242 24.17 -15.11 -24.06
C SER A 242 23.95 -14.89 -25.55
N GLU A 243 24.41 -13.74 -26.05
CA GLU A 243 24.44 -13.49 -27.50
C GLU A 243 25.22 -14.57 -28.25
N GLU A 244 26.49 -14.75 -27.90
CA GLU A 244 27.27 -15.88 -28.42
C GLU A 244 26.57 -17.23 -28.37
N GLU A 245 25.98 -17.56 -27.23
CA GLU A 245 25.31 -18.85 -27.12
C GLU A 245 24.22 -19.00 -28.17
N MSE A 246 23.51 -17.90 -28.42
CA MSE A 246 22.38 -17.93 -29.36
C MSE A 246 22.81 -18.00 -30.83
O MSE A 246 22.25 -18.78 -31.61
CB MSE A 246 21.45 -16.75 -29.09
CG MSE A 246 19.96 -17.09 -29.12
SE MSE A 246 19.24 -18.41 -27.82
CE MSE A 246 20.26 -17.81 -26.31
N CYS A 247 23.82 -17.22 -31.22
CA CYS A 247 24.29 -17.21 -32.60
C CYS A 247 24.86 -18.55 -33.01
N GLU A 248 25.46 -19.24 -32.05
CA GLU A 248 25.88 -20.62 -32.22
C GLU A 248 24.69 -21.59 -32.35
N LEU A 249 23.63 -21.39 -31.57
CA LEU A 249 22.48 -22.28 -31.66
C LEU A 249 21.73 -22.21 -32.98
N PHE A 250 21.70 -21.00 -33.56
CA PHE A 250 20.94 -20.74 -34.77
C PHE A 250 21.83 -20.31 -35.95
N ALA A 251 23.06 -20.83 -35.95
CA ALA A 251 24.04 -20.50 -36.98
C ALA A 251 23.55 -20.80 -38.39
N ASP A 252 22.72 -21.83 -38.51
CA ASP A 252 22.15 -22.24 -39.80
C ASP A 252 21.08 -21.29 -40.32
N ILE A 253 20.54 -20.45 -39.43
CA ILE A 253 19.54 -19.45 -39.80
C ILE A 253 19.82 -18.06 -39.18
N PRO A 254 20.86 -17.35 -39.66
CA PRO A 254 21.12 -16.04 -39.06
C PRO A 254 19.94 -15.07 -39.13
N GLU A 255 18.98 -15.31 -40.03
CA GLU A 255 17.81 -14.45 -40.16
C GLU A 255 16.92 -14.53 -38.94
N ALA A 256 16.90 -15.69 -38.30
CA ALA A 256 16.09 -15.82 -37.11
C ALA A 256 16.64 -14.90 -36.02
N LEU A 257 17.95 -14.73 -36.02
CA LEU A 257 18.63 -13.90 -35.03
C LEU A 257 18.47 -12.42 -35.36
N ALA A 258 18.88 -12.06 -36.56
CA ALA A 258 18.76 -10.68 -37.03
C ALA A 258 17.35 -10.12 -36.85
N ASN A 259 16.34 -10.98 -36.96
CA ASN A 259 14.95 -10.56 -36.86
C ASN A 259 14.57 -10.19 -35.43
N THR A 260 15.11 -10.93 -34.47
CA THR A 260 15.26 -10.43 -33.11
C THR A 260 15.56 -8.93 -33.10
N VAL A 261 16.70 -8.56 -33.68
CA VAL A 261 17.20 -7.19 -33.56
C VAL A 261 16.30 -6.21 -34.30
N GLU A 262 15.78 -6.65 -35.44
CA GLU A 262 14.85 -5.84 -36.22
C GLU A 262 13.59 -5.57 -35.44
N ILE A 263 13.04 -6.58 -34.76
CA ILE A 263 11.79 -6.42 -34.02
C ILE A 263 12.01 -5.47 -32.85
N ALA A 264 13.13 -5.66 -32.16
CA ALA A 264 13.48 -4.80 -31.05
C ALA A 264 13.57 -3.32 -31.46
N LYS A 265 14.11 -3.03 -32.66
CA LYS A 265 14.22 -1.63 -33.10
C LYS A 265 12.81 -1.13 -33.38
N ARG A 266 11.97 -2.00 -33.94
CA ARG A 266 10.58 -1.65 -34.24
C ARG A 266 9.72 -1.37 -33.00
N CYS A 267 10.14 -1.80 -31.81
CA CYS A 267 9.34 -1.63 -30.60
C CYS A 267 9.77 -0.49 -29.72
N ASN A 268 8.91 0.51 -29.58
CA ASN A 268 9.22 1.68 -28.79
C ASN A 268 7.90 2.16 -28.22
N VAL A 269 7.67 1.84 -26.96
CA VAL A 269 6.47 2.18 -26.26
C VAL A 269 6.87 3.15 -25.18
N THR A 270 6.14 4.25 -25.06
CA THR A 270 6.38 5.24 -24.04
C THR A 270 5.50 4.93 -22.85
N VAL A 271 6.09 4.80 -21.67
CA VAL A 271 5.31 4.66 -20.47
C VAL A 271 5.80 5.74 -19.54
N ARG A 272 5.05 6.84 -19.53
CA ARG A 272 5.41 8.02 -18.74
C ARG A 272 5.21 7.65 -17.27
N LEU A 273 6.18 8.00 -16.43
CA LEU A 273 6.16 7.64 -15.02
C LEU A 273 6.57 8.85 -14.17
N GLY A 274 5.89 9.03 -13.05
CA GLY A 274 6.29 10.06 -12.11
C GLY A 274 5.41 11.30 -12.15
N GLU A 275 4.44 11.29 -13.09
CA GLU A 275 3.57 12.43 -13.33
C GLU A 275 2.09 12.04 -13.39
N TYR A 276 1.25 12.77 -12.67
CA TYR A 276 -0.18 12.50 -12.64
C TYR A 276 -0.79 12.58 -14.04
N PHE A 277 -1.78 11.73 -14.30
CA PHE A 277 -2.93 12.12 -15.10
C PHE A 277 -4.18 12.31 -14.24
N LEU A 278 -4.34 13.51 -13.71
CA LEU A 278 -5.53 13.85 -12.94
C LEU A 278 -6.79 13.61 -13.75
N PRO A 279 -7.88 13.29 -13.05
CA PRO A 279 -9.22 13.41 -13.62
C PRO A 279 -9.72 14.84 -13.45
N GLN A 280 -10.82 15.15 -14.13
CA GLN A 280 -11.33 16.51 -14.08
C GLN A 280 -12.28 16.62 -12.93
N PHE A 281 -12.13 17.67 -12.12
CA PHE A 281 -13.06 18.00 -11.02
C PHE A 281 -14.32 18.70 -11.53
N PRO A 282 -15.49 18.46 -10.88
CA PRO A 282 -16.71 19.18 -11.26
C PRO A 282 -16.63 20.66 -10.87
N THR A 283 -16.69 21.51 -11.87
CA THR A 283 -16.40 22.92 -11.65
C THR A 283 -17.40 23.82 -12.38
N GLY A 284 -18.06 23.25 -13.40
CA GLY A 284 -18.95 24.03 -14.27
C GLY A 284 -18.18 25.08 -15.03
N ASP A 285 -18.60 26.34 -14.89
CA ASP A 285 -17.80 27.48 -15.34
C ASP A 285 -16.82 27.86 -14.23
N MSE A 286 -15.83 28.68 -14.55
CA MSE A 286 -14.61 28.83 -13.74
C MSE A 286 -13.62 27.74 -14.15
O MSE A 286 -13.97 26.55 -14.23
CB MSE A 286 -14.86 28.74 -12.23
CG MSE A 286 -15.51 29.96 -11.58
SE MSE A 286 -15.21 29.95 -9.63
CE MSE A 286 -13.49 30.85 -9.52
N SER A 287 -12.40 28.17 -14.42
CA SER A 287 -11.29 27.27 -14.68
C SER A 287 -10.96 26.56 -13.38
N THR A 288 -10.50 25.33 -13.52
CA THR A 288 -10.02 24.53 -12.40
C THR A 288 -9.09 25.35 -11.48
N GLU A 289 -8.12 26.05 -12.08
CA GLU A 289 -7.23 26.98 -11.37
C GLU A 289 -7.93 28.01 -10.51
N ASP A 290 -9.04 28.58 -11.00
CA ASP A 290 -9.75 29.65 -10.30
C ASP A 290 -10.65 29.14 -9.18
N TYR A 291 -11.26 27.97 -9.40
CA TYR A 291 -12.16 27.38 -8.41
C TYR A 291 -11.41 27.04 -7.13
N LEU A 292 -10.16 26.56 -7.28
CA LEU A 292 -9.27 26.28 -6.17
C LEU A 292 -8.99 27.51 -5.32
N VAL A 293 -8.67 28.64 -5.95
CA VAL A 293 -8.40 29.88 -5.19
C VAL A 293 -9.67 30.38 -4.51
N LYS A 294 -10.80 30.27 -5.20
CA LYS A 294 -12.09 30.69 -4.65
C LYS A 294 -12.41 29.94 -3.36
N ARG A 295 -12.15 28.63 -3.35
CA ARG A 295 -12.53 27.79 -2.22
C ARG A 295 -11.43 27.71 -1.12
N ALA A 296 -10.17 27.81 -1.56
CA ALA A 296 -9.03 28.01 -0.65
C ALA A 296 -9.12 29.34 0.11
N LYS A 297 -9.56 30.40 -0.56
CA LYS A 297 -9.72 31.68 0.11
C LYS A 297 -10.89 31.64 1.08
N GLU A 298 -12.05 31.20 0.60
CA GLU A 298 -13.25 30.98 1.42
C GLU A 298 -12.91 30.14 2.64
N GLY A 299 -12.15 29.06 2.40
CA GLY A 299 -11.68 28.18 3.45
C GLY A 299 -10.87 28.94 4.49
N LEU A 300 -9.90 29.71 4.01
CA LEU A 300 -9.07 30.50 4.90
C LEU A 300 -9.92 31.48 5.72
N GLU A 301 -11.04 31.94 5.15
CA GLU A 301 -11.97 32.80 5.88
C GLU A 301 -12.55 32.11 7.12
N GLU A 302 -12.82 30.80 7.02
CA GLU A 302 -13.25 30.05 8.21
C GLU A 302 -12.10 29.88 9.20
N ARG A 303 -10.91 29.58 8.70
CA ARG A 303 -9.76 29.33 9.57
C ARG A 303 -9.24 30.57 10.28
N LEU A 304 -9.28 31.70 9.58
CA LEU A 304 -8.84 32.96 10.17
C LEU A 304 -9.75 33.48 11.30
N ALA A 305 -11.06 33.26 11.14
CA ALA A 305 -12.04 33.67 12.15
C ALA A 305 -11.94 32.82 13.43
N PHE A 306 -11.59 31.53 13.27
CA PHE A 306 -11.41 30.65 14.41
C PHE A 306 -10.09 30.92 15.15
N LEU A 307 -8.98 30.82 14.40
CA LEU A 307 -7.63 30.88 14.98
C LEU A 307 -7.38 32.15 15.76
N PHE A 308 -7.42 33.29 15.07
CA PHE A 308 -7.31 34.59 15.71
C PHE A 308 -8.68 35.24 15.86
N PRO A 309 -9.33 34.99 16.99
CA PRO A 309 -10.72 34.53 17.00
C PRO A 309 -11.63 35.47 16.23
N ASP A 310 -12.64 36.00 16.91
CA ASP A 310 -13.71 36.73 16.23
C ASP A 310 -13.55 38.24 16.41
N GLU A 311 -12.55 38.64 17.19
CA GLU A 311 -12.21 40.05 17.34
C GLU A 311 -11.22 40.49 16.25
N GLU A 312 -11.44 41.71 15.76
CA GLU A 312 -10.84 42.21 14.53
C GLU A 312 -9.38 42.64 14.64
N GLU A 313 -8.62 41.99 15.53
CA GLU A 313 -7.17 42.14 15.51
C GLU A 313 -6.60 41.51 14.25
N ARG A 314 -6.74 40.20 14.16
CA ARG A 314 -6.56 39.45 12.93
C ARG A 314 -5.45 40.05 12.07
N LEU A 315 -5.80 41.10 11.34
CA LEU A 315 -4.89 41.91 10.53
C LEU A 315 -3.48 42.08 11.13
N LYS A 316 -3.36 41.92 12.45
CA LYS A 316 -2.06 42.05 13.13
C LYS A 316 -1.05 41.05 12.61
N ARG A 317 -1.48 39.82 12.33
CA ARG A 317 -0.61 38.84 11.66
C ARG A 317 -1.36 38.00 10.61
N ARG A 318 -2.52 38.49 10.18
CA ARG A 318 -3.26 37.91 9.05
C ARG A 318 -2.55 38.01 7.70
N PRO A 319 -1.86 39.14 7.41
CA PRO A 319 -1.16 39.29 6.13
C PRO A 319 -0.23 38.12 5.83
N GLU A 320 0.58 37.74 6.82
CA GLU A 320 1.44 36.56 6.76
C GLU A 320 0.72 35.32 6.21
N TYR A 321 -0.58 35.25 6.49
CA TYR A 321 -1.44 34.13 6.08
C TYR A 321 -1.86 34.27 4.63
N ASP A 322 -2.47 35.41 4.29
CA ASP A 322 -2.87 35.68 2.91
C ASP A 322 -1.65 35.58 2.01
N GLU A 323 -0.53 36.07 2.54
CA GLU A 323 0.80 35.99 1.91
C GLU A 323 1.14 34.55 1.51
N ARG A 324 1.17 33.64 2.49
CA ARG A 324 1.60 32.26 2.24
C ARG A 324 0.67 31.47 1.31
N LEU A 325 -0.63 31.68 1.45
CA LEU A 325 -1.63 31.11 0.54
C LEU A 325 -1.41 31.51 -0.94
N GLU A 326 -1.12 32.81 -1.17
CA GLU A 326 -0.73 33.34 -2.49
C GLU A 326 0.40 32.49 -3.07
N THR A 327 1.43 32.24 -2.27
CA THR A 327 2.63 31.49 -2.72
C THR A 327 2.29 30.07 -3.14
N GLU A 328 1.43 29.43 -2.37
CA GLU A 328 1.07 28.04 -2.60
C GLU A 328 0.16 27.96 -3.79
N LEU A 329 -0.90 28.78 -3.80
CA LEU A 329 -1.83 28.81 -4.93
C LEU A 329 -1.08 28.98 -6.27
N GLN A 330 -0.16 29.93 -6.32
CA GLN A 330 0.62 30.12 -7.52
C GLN A 330 1.52 28.92 -7.86
N VAL A 331 1.94 28.13 -6.87
CA VAL A 331 2.76 26.97 -7.19
C VAL A 331 1.92 25.79 -7.69
N ILE A 332 0.90 25.44 -6.91
CA ILE A 332 -0.08 24.43 -7.30
C ILE A 332 -0.58 24.67 -8.74
N ASN A 333 -0.94 25.90 -9.06
CA ASN A 333 -1.51 26.20 -10.35
C ASN A 333 -0.46 26.09 -11.45
N GLN A 334 0.71 26.67 -11.19
CA GLN A 334 1.83 26.64 -12.14
C GLN A 334 2.35 25.24 -12.45
N MSE A 335 2.09 24.30 -11.54
CA MSE A 335 2.58 22.94 -11.68
C MSE A 335 1.49 22.01 -12.19
O MSE A 335 1.78 20.85 -12.46
CB MSE A 335 3.14 22.43 -10.36
CG MSE A 335 4.40 23.10 -9.92
SE MSE A 335 5.22 22.15 -8.43
CE MSE A 335 6.62 21.26 -9.46
N GLY A 336 0.27 22.50 -12.28
CA GLY A 336 -0.84 21.69 -12.78
C GLY A 336 -1.66 20.89 -11.76
N PHE A 337 -1.55 21.21 -10.48
CA PHE A 337 -2.22 20.39 -9.45
C PHE A 337 -3.55 20.85 -8.85
N PRO A 338 -4.15 21.93 -9.38
CA PRO A 338 -5.30 22.43 -8.64
C PRO A 338 -6.34 21.33 -8.42
N GLY A 339 -6.55 20.50 -9.43
CA GLY A 339 -7.56 19.43 -9.36
C GLY A 339 -7.28 18.40 -8.27
N TYR A 340 -6.00 18.15 -8.03
CA TYR A 340 -5.62 17.17 -7.03
C TYR A 340 -6.11 17.61 -5.66
N PHE A 341 -6.04 18.90 -5.40
CA PHE A 341 -6.46 19.44 -4.11
C PHE A 341 -7.96 19.41 -3.99
N LEU A 342 -8.61 19.84 -5.05
CA LEU A 342 -10.05 19.76 -5.15
C LEU A 342 -10.57 18.34 -4.93
N ILE A 343 -9.96 17.32 -5.53
CA ILE A 343 -10.56 16.01 -5.42
C ILE A 343 -10.33 15.30 -4.08
N VAL A 344 -9.27 15.67 -3.38
CA VAL A 344 -9.02 15.19 -2.03
C VAL A 344 -9.93 15.97 -1.11
N MSE A 345 -9.95 17.29 -1.32
CA MSE A 345 -10.82 18.20 -0.59
C MSE A 345 -12.22 17.63 -0.52
O MSE A 345 -12.76 17.43 0.56
CB MSE A 345 -10.87 19.58 -1.27
CG MSE A 345 -11.85 20.56 -0.57
SE MSE A 345 -12.63 21.92 -1.73
CE MSE A 345 -13.28 20.80 -3.21
N GLU A 346 -12.80 17.37 -1.69
CA GLU A 346 -14.16 16.88 -1.77
C GLU A 346 -14.25 15.54 -1.03
N PHE A 347 -13.43 14.58 -1.44
CA PHE A 347 -13.45 13.25 -0.79
C PHE A 347 -13.47 13.29 0.75
N ILE A 348 -12.53 14.04 1.32
CA ILE A 348 -12.41 14.13 2.75
C ILE A 348 -13.67 14.72 3.39
N GLN A 349 -14.28 15.71 2.73
CA GLN A 349 -15.56 16.25 3.17
C GLN A 349 -16.69 15.21 3.13
N TRP A 350 -16.72 14.45 2.06
CA TRP A 350 -17.77 13.47 1.85
C TRP A 350 -17.72 12.41 2.96
N SER A 351 -16.50 11.92 3.24
CA SER A 351 -16.32 10.92 4.28
C SER A 351 -16.65 11.43 5.69
N LYS A 352 -16.33 12.68 5.99
CA LYS A 352 -16.79 13.30 7.23
C LYS A 352 -18.30 13.34 7.26
N ASP A 353 -18.91 13.68 6.13
CA ASP A 353 -20.38 13.76 6.04
C ASP A 353 -21.05 12.39 6.09
N ASN A 354 -20.62 11.46 5.24
CA ASN A 354 -21.10 10.08 5.37
C ASN A 354 -20.35 9.37 6.52
N GLY A 355 -20.51 8.05 6.63
CA GLY A 355 -20.02 7.34 7.81
C GLY A 355 -18.65 6.69 7.67
N VAL A 356 -17.69 7.46 7.13
CA VAL A 356 -16.37 6.93 6.76
C VAL A 356 -15.22 7.70 7.42
N PRO A 357 -14.52 7.06 8.37
CA PRO A 357 -13.32 7.67 8.93
C PRO A 357 -12.14 7.54 7.99
N VAL A 358 -11.38 8.61 7.82
CA VAL A 358 -10.15 8.55 7.05
C VAL A 358 -8.99 8.53 8.02
N GLY A 359 -7.98 7.74 7.69
CA GLY A 359 -6.75 7.65 8.50
C GLY A 359 -6.08 9.00 8.65
N PRO A 360 -5.10 9.10 9.56
CA PRO A 360 -4.32 10.33 9.73
C PRO A 360 -3.51 10.55 8.48
N GLY A 361 -2.46 9.75 8.31
CA GLY A 361 -1.69 9.77 7.06
C GLY A 361 -1.29 11.17 6.61
N ARG A 362 -2.13 11.77 5.77
CA ARG A 362 -1.90 13.14 5.22
C ARG A 362 -0.59 13.39 4.45
N GLY A 363 0.31 12.41 4.43
CA GLY A 363 1.61 12.49 3.75
C GLY A 363 2.53 13.50 4.41
N SER A 364 3.12 14.37 3.60
CA SER A 364 3.85 15.55 4.09
C SER A 364 3.01 16.79 3.91
N GLY A 365 1.72 16.61 3.61
CA GLY A 365 0.78 17.72 3.52
C GLY A 365 0.77 18.39 4.88
N ALA A 366 -0.26 19.15 5.20
CA ALA A 366 -0.30 19.77 6.55
C ALA A 366 0.75 20.86 6.70
N GLY A 367 1.83 20.73 5.92
CA GLY A 367 2.79 21.81 5.70
C GLY A 367 2.21 22.79 4.72
N SER A 368 1.06 22.42 4.15
CA SER A 368 0.37 23.23 3.17
C SER A 368 -0.76 24.05 3.75
N LEU A 369 -0.56 25.35 3.85
CA LEU A 369 -1.64 26.24 4.26
C LEU A 369 -2.94 25.98 3.48
N VAL A 370 -2.83 25.79 2.17
CA VAL A 370 -4.00 25.52 1.31
C VAL A 370 -4.78 24.27 1.77
N ALA A 371 -4.06 23.21 2.14
CA ALA A 371 -4.70 21.99 2.62
C ALA A 371 -5.53 22.29 3.86
N TYR A 372 -4.95 23.11 4.73
CA TYR A 372 -5.58 23.50 5.99
C TYR A 372 -6.81 24.34 5.66
N ALA A 373 -6.65 25.30 4.75
CA ALA A 373 -7.79 26.11 4.29
C ALA A 373 -8.91 25.22 3.76
N LEU A 374 -8.52 24.18 3.00
CA LEU A 374 -9.47 23.19 2.46
C LEU A 374 -9.96 22.13 3.48
N LYS A 375 -9.41 22.16 4.68
CA LYS A 375 -9.75 21.20 5.75
C LYS A 375 -9.41 19.78 5.36
N ILE A 376 -8.37 19.62 4.56
CA ILE A 376 -7.81 18.30 4.33
C ILE A 376 -6.93 18.01 5.55
N THR A 377 -6.24 19.04 6.02
CA THR A 377 -5.51 18.94 7.29
C THR A 377 -6.07 19.87 8.37
N ASP A 378 -5.78 19.58 9.63
CA ASP A 378 -6.40 20.34 10.73
C ASP A 378 -5.43 21.01 11.69
N LEU A 379 -4.17 21.08 11.27
CA LEU A 379 -3.16 21.88 11.94
C LEU A 379 -2.84 23.18 11.20
N ASP A 380 -2.58 24.23 11.97
CA ASP A 380 -2.11 25.51 11.46
C ASP A 380 -0.60 25.44 11.20
N PRO A 381 -0.20 25.32 9.92
CA PRO A 381 1.22 25.08 9.60
C PRO A 381 2.17 26.19 10.07
N LEU A 382 1.68 27.43 10.14
CA LEU A 382 2.49 28.57 10.58
C LEU A 382 2.77 28.51 12.08
N GLU A 383 1.81 28.01 12.84
CA GLU A 383 1.94 27.84 14.28
C GLU A 383 3.05 26.85 14.62
N PHE A 384 3.25 25.84 13.79
CA PHE A 384 4.22 24.80 14.13
C PHE A 384 5.32 24.70 13.09
N ASP A 385 5.50 25.79 12.34
CA ASP A 385 6.54 25.91 11.32
C ASP A 385 6.58 24.73 10.38
N LEU A 386 5.43 24.44 9.78
CA LEU A 386 5.30 23.39 8.81
C LEU A 386 5.43 23.98 7.40
N LEU A 387 6.26 23.34 6.58
CA LEU A 387 6.68 23.91 5.33
C LEU A 387 5.89 23.33 4.17
N PHE A 388 5.48 24.22 3.27
CA PHE A 388 4.79 23.82 2.04
C PHE A 388 5.75 23.18 1.04
N GLU A 389 7.00 23.62 1.07
CA GLU A 389 8.00 23.17 0.09
C GLU A 389 8.55 21.78 0.37
N ARG A 390 8.41 21.33 1.62
CA ARG A 390 8.73 19.95 1.96
C ARG A 390 7.70 18.97 1.39
N PHE A 391 6.61 19.52 0.86
CA PHE A 391 5.51 18.76 0.31
C PHE A 391 5.39 18.92 -1.22
N LEU A 392 5.53 20.15 -1.72
CA LEU A 392 5.54 20.50 -3.14
C LEU A 392 6.66 21.49 -3.38
N ASN A 393 7.61 21.11 -4.20
CA ASN A 393 8.77 21.90 -4.45
C ASN A 393 8.84 22.14 -5.97
N PRO A 394 8.64 23.41 -6.39
CA PRO A 394 8.71 23.89 -7.78
C PRO A 394 10.07 23.63 -8.43
N GLU A 395 11.08 23.46 -7.59
CA GLU A 395 12.43 23.18 -8.01
C GLU A 395 12.61 21.71 -8.39
N ARG A 396 11.60 20.86 -8.15
CA ARG A 396 11.69 19.40 -8.41
C ARG A 396 10.43 18.72 -9.01
N VAL A 397 10.63 17.86 -9.99
CA VAL A 397 9.55 17.05 -10.52
C VAL A 397 9.07 16.06 -9.45
N SER A 398 7.78 16.12 -9.12
CA SER A 398 7.20 15.27 -8.08
C SER A 398 5.69 15.11 -8.20
N MSE A 399 5.18 14.15 -7.44
CA MSE A 399 3.76 13.87 -7.33
C MSE A 399 3.31 14.10 -5.87
O MSE A 399 3.73 13.38 -4.96
CB MSE A 399 3.48 12.43 -7.72
CG MSE A 399 3.07 12.22 -9.17
SE MSE A 399 2.93 10.32 -9.65
CE MSE A 399 4.63 9.72 -8.88
N PRO A 400 2.48 15.12 -5.65
CA PRO A 400 2.06 15.38 -4.30
C PRO A 400 1.04 14.33 -3.86
N ASP A 401 1.27 13.75 -2.68
CA ASP A 401 0.41 12.72 -2.15
C ASP A 401 0.03 12.98 -0.70
N PHE A 402 -1.25 13.16 -0.46
CA PHE A 402 -1.75 13.26 0.91
C PHE A 402 -1.84 11.90 1.64
N ASP A 403 -1.37 10.82 0.99
CA ASP A 403 -1.45 9.44 1.52
C ASP A 403 -2.73 9.18 2.30
N VAL A 404 -3.86 9.36 1.63
CA VAL A 404 -5.12 9.25 2.30
C VAL A 404 -5.60 7.82 2.24
N ASP A 405 -6.16 7.36 3.34
CA ASP A 405 -6.62 5.97 3.40
C ASP A 405 -7.83 5.85 4.30
N PHE A 406 -8.62 4.81 4.06
CA PHE A 406 -9.79 4.49 4.85
C PHE A 406 -9.82 2.97 5.05
N CYS A 407 -10.77 2.48 5.84
CA CYS A 407 -10.87 1.06 6.11
C CYS A 407 -11.55 0.32 4.98
N MSE A 408 -10.98 -0.83 4.65
CA MSE A 408 -11.38 -1.68 3.53
C MSE A 408 -12.85 -2.07 3.49
O MSE A 408 -13.41 -2.35 2.43
CB MSE A 408 -10.53 -2.95 3.56
CG MSE A 408 -10.68 -3.84 2.35
SE MSE A 408 -9.79 -5.57 2.62
CE MSE A 408 -10.52 -6.03 4.39
N GLU A 409 -13.49 -2.09 4.65
CA GLU A 409 -14.86 -2.57 4.75
C GLU A 409 -15.80 -1.58 4.07
N LYS A 410 -15.41 -0.30 4.12
CA LYS A 410 -16.22 0.76 3.58
C LYS A 410 -15.99 0.93 2.08
N ARG A 411 -15.12 0.10 1.52
CA ARG A 411 -14.76 0.21 0.12
C ARG A 411 -15.98 0.44 -0.78
N ASP A 412 -17.01 -0.37 -0.62
CA ASP A 412 -18.18 -0.31 -1.49
C ASP A 412 -18.80 1.07 -1.55
N GLN A 413 -18.94 1.70 -0.38
CA GLN A 413 -19.46 3.06 -0.30
C GLN A 413 -18.61 4.09 -1.04
N VAL A 414 -17.29 4.06 -0.87
CA VAL A 414 -16.49 5.14 -1.41
C VAL A 414 -16.32 4.98 -2.90
N ILE A 415 -16.15 3.75 -3.38
CA ILE A 415 -16.11 3.48 -4.82
C ILE A 415 -17.37 4.05 -5.45
N GLU A 416 -18.51 3.70 -4.86
CA GLU A 416 -19.79 4.25 -5.28
C GLU A 416 -19.72 5.76 -5.51
N HIS A 417 -19.31 6.51 -4.48
CA HIS A 417 -19.32 7.97 -4.51
C HIS A 417 -18.28 8.49 -5.45
N VAL A 418 -17.10 7.91 -5.36
CA VAL A 418 -16.01 8.30 -6.21
C VAL A 418 -16.37 8.03 -7.67
N ALA A 419 -17.29 7.10 -7.91
CA ALA A 419 -17.77 6.82 -9.26
C ALA A 419 -18.92 7.76 -9.68
N ASP A 420 -19.58 8.38 -8.70
CA ASP A 420 -20.51 9.47 -8.99
C ASP A 420 -19.67 10.59 -9.59
N MSE A 421 -18.57 10.88 -8.91
CA MSE A 421 -17.74 12.03 -9.19
C MSE A 421 -17.08 11.93 -10.56
O MSE A 421 -17.14 12.88 -11.35
CB MSE A 421 -16.65 12.19 -8.12
CG MSE A 421 -17.10 12.76 -6.79
SE MSE A 421 -18.00 14.50 -6.90
CE MSE A 421 -19.86 13.90 -6.53
N TYR A 422 -16.48 10.79 -10.84
CA TYR A 422 -15.50 10.69 -11.92
C TYR A 422 -15.86 9.63 -12.96
N GLY A 423 -16.95 8.89 -12.73
CA GLY A 423 -17.44 7.92 -13.71
C GLY A 423 -17.11 6.45 -13.46
N ARG A 424 -18.14 5.61 -13.51
CA ARG A 424 -18.00 4.15 -13.36
C ARG A 424 -16.66 3.61 -13.82
N ASP A 425 -16.43 3.57 -15.13
CA ASP A 425 -15.21 2.90 -15.61
C ASP A 425 -13.89 3.68 -15.49
N ALA A 426 -13.95 4.88 -14.90
CA ALA A 426 -12.74 5.60 -14.52
C ALA A 426 -12.26 5.15 -13.14
N VAL A 427 -13.09 4.34 -12.47
CA VAL A 427 -12.89 3.94 -11.08
C VAL A 427 -12.68 2.41 -10.94
N SER A 428 -11.78 2.01 -10.04
CA SER A 428 -11.37 0.60 -10.02
C SER A 428 -10.65 0.23 -8.75
N GLN A 429 -10.72 -1.03 -8.36
CA GLN A 429 -9.85 -1.45 -7.22
C GLN A 429 -8.47 -1.85 -7.74
N ILE A 430 -7.53 -2.05 -6.80
CA ILE A 430 -6.09 -2.26 -7.08
C ILE A 430 -5.63 -3.63 -6.60
N ILE A 431 -4.94 -4.39 -7.44
CA ILE A 431 -4.43 -5.74 -7.12
C ILE A 431 -3.39 -5.71 -5.99
N THR A 432 -3.27 -6.86 -5.30
CA THR A 432 -2.19 -7.16 -4.35
C THR A 432 -1.67 -8.53 -4.72
N PHE A 433 -0.40 -8.80 -4.49
CA PHE A 433 0.13 -10.13 -4.76
C PHE A 433 0.48 -10.84 -3.49
N GLY A 434 0.32 -12.15 -3.50
CA GLY A 434 0.89 -12.99 -2.46
C GLY A 434 2.26 -13.47 -2.87
N THR A 435 3.20 -13.42 -1.95
CA THR A 435 4.55 -13.99 -2.18
C THR A 435 4.72 -15.16 -1.25
N MSE A 436 5.74 -15.97 -1.47
CA MSE A 436 6.06 -17.05 -0.52
C MSE A 436 7.13 -16.58 0.44
O MSE A 436 8.31 -16.56 0.11
CB MSE A 436 6.55 -18.26 -1.27
CG MSE A 436 5.77 -18.54 -2.50
SE MSE A 436 6.29 -20.24 -3.33
CE MSE A 436 5.92 -21.33 -1.75
N ALA A 437 6.72 -16.22 1.64
CA ALA A 437 7.69 -15.82 2.67
C ALA A 437 8.34 -17.05 3.27
N ALA A 438 9.31 -16.81 4.16
CA ALA A 438 9.98 -17.83 4.98
C ALA A 438 9.18 -19.12 5.33
N LYS A 439 8.17 -18.98 6.19
CA LYS A 439 7.45 -20.13 6.70
C LYS A 439 6.75 -20.88 5.58
N ALA A 440 6.14 -20.15 4.66
CA ALA A 440 5.29 -20.76 3.67
C ALA A 440 6.16 -21.54 2.70
N VAL A 441 7.28 -20.95 2.33
CA VAL A 441 8.14 -21.52 1.31
C VAL A 441 8.80 -22.83 1.76
N ILE A 442 9.07 -22.94 3.06
CA ILE A 442 9.54 -24.20 3.63
C ILE A 442 8.40 -25.24 3.66
N ARG A 443 7.20 -24.79 4.01
CA ARG A 443 6.01 -25.61 4.03
C ARG A 443 5.82 -26.22 2.62
N ASP A 444 5.94 -25.37 1.61
CA ASP A 444 5.63 -25.79 0.27
C ASP A 444 6.72 -26.57 -0.42
N VAL A 445 7.96 -26.20 -0.24
CA VAL A 445 9.05 -27.01 -0.78
C VAL A 445 9.12 -28.38 -0.10
N GLY A 446 8.90 -28.42 1.21
CA GLY A 446 8.78 -29.69 1.93
C GLY A 446 7.74 -30.60 1.33
N ARG A 447 6.54 -30.05 1.11
CA ARG A 447 5.49 -30.83 0.52
C ARG A 447 5.95 -31.42 -0.81
N VAL A 448 6.46 -30.53 -1.67
CA VAL A 448 6.91 -30.96 -2.99
C VAL A 448 8.02 -31.98 -2.95
N LEU A 449 8.96 -31.86 -2.02
CA LEU A 449 10.05 -32.83 -1.98
C LEU A 449 9.64 -34.14 -1.35
N GLY A 450 8.35 -34.26 -1.03
CA GLY A 450 7.77 -35.52 -0.56
C GLY A 450 7.83 -35.81 0.93
N HIS A 451 8.11 -34.80 1.74
CA HIS A 451 8.05 -34.97 3.18
C HIS A 451 6.63 -34.86 3.76
N PRO A 452 6.37 -35.53 4.89
CA PRO A 452 5.10 -35.35 5.59
C PRO A 452 5.07 -34.05 6.39
N TYR A 453 3.87 -33.57 6.69
CA TYR A 453 3.73 -32.31 7.39
C TYR A 453 4.66 -32.19 8.59
N GLY A 454 4.60 -33.18 9.47
CA GLY A 454 5.37 -33.15 10.70
C GLY A 454 6.87 -32.94 10.53
N PHE A 455 7.45 -33.61 9.54
CA PHE A 455 8.88 -33.41 9.24
C PHE A 455 9.11 -31.92 8.97
N VAL A 456 8.48 -31.41 7.94
CA VAL A 456 8.66 -30.05 7.50
C VAL A 456 8.34 -29.05 8.60
N ASP A 457 7.28 -29.31 9.35
CA ASP A 457 6.84 -28.36 10.37
C ASP A 457 7.87 -28.17 11.49
N ARG A 458 8.74 -29.14 11.65
CA ARG A 458 9.79 -29.03 12.64
C ARG A 458 10.73 -27.87 12.28
N ILE A 459 11.05 -27.74 10.99
CA ILE A 459 11.88 -26.63 10.54
C ILE A 459 11.11 -25.31 10.62
N SER A 460 9.83 -25.34 10.27
CA SER A 460 9.00 -24.16 10.26
C SER A 460 8.81 -23.51 11.62
N LYS A 461 8.76 -24.33 12.66
CA LYS A 461 8.54 -23.80 13.98
C LYS A 461 9.77 -23.03 14.45
N LEU A 462 10.90 -23.30 13.81
CA LEU A 462 12.17 -22.65 14.18
C LEU A 462 12.28 -21.27 13.57
N ILE A 463 11.48 -21.02 12.54
CA ILE A 463 11.36 -19.68 11.96
C ILE A 463 10.57 -18.78 12.90
N PRO A 464 11.17 -17.67 13.35
CA PRO A 464 10.46 -16.71 14.19
C PRO A 464 9.28 -16.08 13.44
N PRO A 465 8.25 -15.63 14.19
CA PRO A 465 7.03 -15.06 13.59
C PRO A 465 7.12 -13.56 13.30
N ASP A 466 8.19 -12.92 13.75
CA ASP A 466 8.41 -11.48 13.59
C ASP A 466 8.02 -11.00 12.18
N PRO A 467 7.36 -9.83 12.07
CA PRO A 467 6.97 -9.33 10.76
C PRO A 467 8.18 -9.10 9.85
N GLY A 468 8.01 -9.32 8.55
CA GLY A 468 9.13 -9.19 7.60
C GLY A 468 10.31 -10.12 7.83
N MSE A 469 10.08 -11.24 8.54
CA MSE A 469 11.10 -12.25 8.74
C MSE A 469 11.53 -12.86 7.41
O MSE A 469 10.73 -13.07 6.51
CB MSE A 469 10.62 -13.34 9.69
CG MSE A 469 11.63 -14.44 10.02
SE MSE A 469 13.38 -13.94 10.79
CE MSE A 469 12.87 -12.68 12.20
N THR A 470 12.84 -13.13 7.33
CA THR A 470 13.48 -13.80 6.22
C THR A 470 14.24 -15.02 6.74
N LEU A 471 14.59 -15.92 5.82
CA LEU A 471 15.40 -17.08 6.14
C LEU A 471 16.79 -16.73 6.66
N ALA A 472 17.44 -15.75 6.05
CA ALA A 472 18.78 -15.35 6.50
C ALA A 472 18.78 -14.88 7.97
N LYS A 473 17.73 -14.16 8.32
CA LYS A 473 17.55 -13.61 9.65
C LYS A 473 17.19 -14.72 10.63
N ALA A 474 16.36 -15.66 10.18
CA ALA A 474 15.99 -16.80 11.00
C ALA A 474 17.23 -17.63 11.32
N PHE A 475 18.13 -17.73 10.35
CA PHE A 475 19.39 -18.40 10.58
C PHE A 475 20.30 -17.67 11.53
N GLU A 476 20.19 -16.34 11.58
CA GLU A 476 20.91 -15.52 12.55
C GLU A 476 20.35 -15.75 13.97
N ALA A 477 19.02 -15.73 14.12
CA ALA A 477 18.39 -15.65 15.44
C ALA A 477 18.15 -17.00 16.11
N GLU A 478 18.13 -18.06 15.31
CA GLU A 478 17.85 -19.39 15.84
C GLU A 478 18.97 -20.40 15.57
N PRO A 479 19.92 -20.52 16.53
CA PRO A 479 21.06 -21.43 16.54
C PRO A 479 20.74 -22.88 16.17
N GLN A 480 19.47 -23.26 16.22
CA GLN A 480 19.09 -24.61 15.90
C GLN A 480 19.03 -24.84 14.41
N LEU A 481 18.80 -23.77 13.65
CA LEU A 481 18.67 -23.85 12.19
C LEU A 481 19.98 -24.26 11.53
N PRO A 482 21.09 -23.55 11.83
CA PRO A 482 22.34 -24.01 11.23
C PRO A 482 22.66 -25.41 11.69
N GLU A 483 22.35 -25.71 12.94
CA GLU A 483 22.73 -26.95 13.54
C GLU A 483 22.17 -28.08 12.69
N ILE A 484 20.86 -28.09 12.54
CA ILE A 484 20.20 -29.17 11.83
C ILE A 484 20.53 -29.15 10.31
N TYR A 485 20.76 -27.96 9.76
CA TYR A 485 21.16 -27.80 8.34
C TYR A 485 22.50 -28.51 8.08
N GLU A 486 23.41 -28.47 9.05
CA GLU A 486 24.65 -29.25 8.95
C GLU A 486 24.44 -30.76 9.12
N ALA A 487 23.47 -31.15 9.94
CA ALA A 487 23.28 -32.55 10.26
C ALA A 487 22.47 -33.32 9.22
N ASP A 488 21.48 -32.67 8.63
CA ASP A 488 20.51 -33.39 7.82
C ASP A 488 20.44 -32.97 6.35
N GLU A 489 20.88 -33.88 5.48
CA GLU A 489 20.96 -33.63 4.04
C GLU A 489 19.61 -33.23 3.47
N GLU A 490 18.57 -33.95 3.88
CA GLU A 490 17.20 -33.63 3.50
C GLU A 490 16.83 -32.22 3.93
N VAL A 491 17.14 -31.89 5.17
CA VAL A 491 16.89 -30.56 5.69
C VAL A 491 17.69 -29.49 4.97
N LYS A 492 18.89 -29.82 4.52
CA LYS A 492 19.64 -28.83 3.82
C LYS A 492 19.20 -28.69 2.34
N ALA A 493 18.81 -29.82 1.74
CA ALA A 493 18.17 -29.79 0.43
C ALA A 493 16.93 -28.90 0.44
N LEU A 494 15.97 -29.24 1.29
CA LEU A 494 14.90 -28.32 1.65
C LEU A 494 15.36 -26.86 1.51
N ILE A 495 16.16 -26.42 2.47
CA ILE A 495 16.36 -24.99 2.70
C ILE A 495 17.09 -24.33 1.54
N ASP A 496 18.07 -25.04 0.99
CA ASP A 496 18.76 -24.60 -0.23
C ASP A 496 17.78 -24.13 -1.30
N MSE A 497 16.70 -24.88 -1.50
CA MSE A 497 15.70 -24.53 -2.49
C MSE A 497 14.70 -23.49 -2.00
O MSE A 497 14.35 -22.56 -2.73
CB MSE A 497 14.96 -25.76 -3.00
CG MSE A 497 14.63 -25.61 -4.48
SE MSE A 497 16.16 -26.33 -5.44
CE MSE A 497 16.45 -27.94 -4.37
N ALA A 498 14.23 -23.64 -0.77
CA ALA A 498 13.45 -22.60 -0.17
C ALA A 498 14.14 -21.26 -0.36
N ARG A 499 15.46 -21.23 -0.26
CA ARG A 499 16.17 -19.95 -0.36
C ARG A 499 16.10 -19.32 -1.77
N LYS A 500 16.00 -20.16 -2.80
CA LYS A 500 15.85 -19.71 -4.18
C LYS A 500 14.42 -19.33 -4.48
N LEU A 501 13.47 -19.88 -3.72
CA LEU A 501 12.05 -19.58 -3.94
C LEU A 501 11.52 -18.50 -3.03
N GLU A 502 12.20 -18.21 -1.92
CA GLU A 502 11.74 -17.18 -0.99
C GLU A 502 11.39 -15.87 -1.70
N GLY A 503 10.16 -15.43 -1.48
CA GLY A 503 9.73 -14.13 -1.98
C GLY A 503 9.12 -14.16 -3.37
N VAL A 504 9.16 -15.30 -4.06
CA VAL A 504 8.49 -15.42 -5.35
C VAL A 504 6.94 -15.20 -5.24
N THR A 505 6.34 -14.71 -6.33
CA THR A 505 4.91 -14.31 -6.40
C THR A 505 4.13 -15.55 -6.73
N ARG A 506 3.12 -15.88 -5.92
CA ARG A 506 2.34 -17.06 -6.24
C ARG A 506 1.00 -16.67 -6.82
N ASN A 507 0.46 -15.55 -6.38
CA ASN A 507 -0.88 -15.21 -6.82
C ASN A 507 -1.31 -13.80 -6.50
N ALA A 508 -2.51 -13.44 -6.94
CA ALA A 508 -3.20 -12.22 -6.55
C ALA A 508 -3.98 -12.45 -5.24
N GLY A 509 -4.24 -11.37 -4.51
CA GLY A 509 -5.19 -11.39 -3.42
C GLY A 509 -6.49 -12.09 -3.80
N LYS A 510 -7.10 -12.76 -2.83
CA LYS A 510 -7.25 -12.20 -1.49
C LYS A 510 -8.16 -10.97 -1.50
N HIS A 511 -7.57 -9.79 -1.35
CA HIS A 511 -8.32 -8.55 -1.39
C HIS A 511 -7.53 -7.45 -2.09
N ALA A 512 -8.23 -6.41 -2.54
CA ALA A 512 -7.59 -5.28 -3.20
C ALA A 512 -6.76 -4.47 -2.22
N GLY A 513 -5.99 -3.53 -2.75
CA GLY A 513 -5.13 -2.71 -1.92
C GLY A 513 -5.60 -1.29 -1.80
N GLY A 514 -6.63 -0.95 -2.56
CA GLY A 514 -7.19 0.39 -2.49
C GLY A 514 -7.96 0.69 -3.74
N VAL A 515 -8.35 1.94 -3.90
CA VAL A 515 -9.03 2.38 -5.11
C VAL A 515 -8.20 3.38 -5.89
N VAL A 516 -8.27 3.27 -7.21
CA VAL A 516 -7.58 4.18 -8.10
C VAL A 516 -8.58 5.02 -8.93
N ILE A 517 -8.21 6.25 -9.28
CA ILE A 517 -9.11 7.10 -10.08
C ILE A 517 -8.42 7.55 -11.37
N ALA A 518 -9.06 7.32 -12.50
CA ALA A 518 -8.49 7.72 -13.80
C ALA A 518 -9.26 8.88 -14.45
N PRO A 519 -8.59 9.60 -15.40
CA PRO A 519 -9.25 10.65 -16.19
C PRO A 519 -10.28 10.12 -17.20
N THR A 520 -10.17 8.84 -17.52
CA THR A 520 -11.11 8.17 -18.44
C THR A 520 -11.15 6.70 -18.03
N LYS A 521 -11.83 5.86 -18.82
CA LYS A 521 -11.72 4.40 -18.74
C LYS A 521 -10.44 3.99 -18.04
N ILE A 522 -10.52 3.01 -17.14
CA ILE A 522 -9.34 2.53 -16.44
C ILE A 522 -8.40 1.80 -17.37
N THR A 523 -8.94 1.03 -18.32
CA THR A 523 -8.10 0.35 -19.32
C THR A 523 -7.29 1.26 -20.28
N ASP A 524 -7.63 2.55 -20.39
CA ASP A 524 -6.69 3.48 -20.99
C ASP A 524 -5.40 3.59 -20.13
N PHE A 525 -5.39 3.01 -18.92
CA PHE A 525 -4.22 3.20 -18.03
C PHE A 525 -3.54 1.96 -17.50
N ALA A 526 -4.33 0.92 -17.29
CA ALA A 526 -3.82 -0.34 -16.75
C ALA A 526 -4.72 -1.41 -17.29
N PRO A 527 -4.17 -2.61 -17.49
CA PRO A 527 -5.03 -3.74 -17.87
C PRO A 527 -5.79 -4.26 -16.63
N LEU A 528 -6.77 -5.13 -16.83
CA LEU A 528 -7.54 -5.68 -15.71
C LEU A 528 -7.22 -7.13 -15.40
N TYR A 529 -7.33 -7.50 -14.13
CA TYR A 529 -7.28 -8.90 -13.73
C TYR A 529 -8.63 -9.20 -13.08
N CYS A 530 -9.17 -10.38 -13.34
CA CYS A 530 -10.45 -10.78 -12.79
C CYS A 530 -10.37 -12.20 -12.29
N ASP A 531 -11.38 -12.64 -11.55
CA ASP A 531 -11.45 -14.00 -11.10
C ASP A 531 -12.09 -14.93 -12.15
N GLU A 532 -12.28 -16.20 -11.80
CA GLU A 532 -12.90 -17.18 -12.70
C GLU A 532 -14.19 -16.69 -13.32
N GLU A 533 -14.93 -15.85 -12.62
CA GLU A 533 -16.25 -15.46 -13.09
C GLU A 533 -16.18 -14.17 -13.88
N GLY A 534 -14.98 -13.65 -14.11
CA GLY A 534 -14.86 -12.37 -14.76
C GLY A 534 -15.25 -11.25 -13.84
N LYS A 535 -15.29 -11.53 -12.55
CA LYS A 535 -15.63 -10.54 -11.53
C LYS A 535 -14.43 -10.13 -10.68
N HIS A 536 -14.69 -9.24 -9.72
CA HIS A 536 -13.67 -8.55 -8.93
C HIS A 536 -12.52 -8.01 -9.76
N PRO A 537 -12.85 -7.11 -10.70
CA PRO A 537 -11.85 -6.45 -11.53
C PRO A 537 -10.88 -5.59 -10.70
N VAL A 538 -9.59 -5.70 -10.99
CA VAL A 538 -8.55 -4.93 -10.36
C VAL A 538 -7.53 -4.57 -11.43
N THR A 539 -6.85 -3.44 -11.24
CA THR A 539 -5.78 -3.05 -12.13
C THR A 539 -4.65 -4.05 -11.94
N GLN A 540 -3.93 -4.37 -13.02
CA GLN A 540 -2.82 -5.30 -12.86
C GLN A 540 -1.60 -4.65 -12.25
N PHE A 541 -1.59 -3.33 -12.12
CA PHE A 541 -0.52 -2.66 -11.41
C PHE A 541 -0.95 -2.44 -9.96
N ASP A 542 -0.09 -2.82 -9.03
CA ASP A 542 -0.41 -2.64 -7.61
C ASP A 542 -0.22 -1.19 -7.13
N LYS A 543 -0.47 -0.96 -5.85
CA LYS A 543 -0.40 0.32 -5.18
C LYS A 543 0.70 1.23 -5.65
N SER A 544 1.93 0.87 -5.33
CA SER A 544 3.06 1.67 -5.74
C SER A 544 3.07 1.83 -7.27
N ASP A 545 3.11 0.73 -8.01
CA ASP A 545 3.08 0.81 -9.46
C ASP A 545 2.00 1.75 -9.99
N VAL A 546 0.82 1.77 -9.36
CA VAL A 546 -0.32 2.47 -9.97
C VAL A 546 -0.10 3.97 -9.81
N GLU A 547 0.42 4.28 -8.63
CA GLU A 547 0.99 5.57 -8.25
C GLU A 547 1.95 6.06 -9.32
N TYR A 548 3.09 5.38 -9.44
CA TYR A 548 4.15 5.83 -10.34
C TYR A 548 3.73 5.96 -11.82
N ALA A 549 2.70 5.23 -12.22
CA ALA A 549 2.08 5.41 -13.54
C ALA A 549 1.22 6.67 -13.57
N GLY A 550 1.08 7.34 -12.43
CA GLY A 550 0.31 8.59 -12.38
C GLY A 550 -1.20 8.53 -12.19
N LEU A 551 -1.72 7.50 -11.50
CA LEU A 551 -3.12 7.60 -11.10
C LEU A 551 -3.27 8.00 -9.64
N VAL A 552 -4.32 8.74 -9.37
CA VAL A 552 -4.64 9.13 -8.01
C VAL A 552 -5.19 7.89 -7.34
N LYS A 553 -4.65 7.58 -6.15
CA LYS A 553 -5.09 6.38 -5.43
C LYS A 553 -5.35 6.62 -3.95
N PHE A 554 -6.20 5.78 -3.36
CA PHE A 554 -6.49 5.87 -1.94
C PHE A 554 -6.38 4.46 -1.35
N ASP A 555 -5.43 4.29 -0.42
CA ASP A 555 -5.12 2.98 0.17
C ASP A 555 -6.19 2.45 1.14
N PHE A 556 -6.25 1.14 1.34
CA PHE A 556 -6.99 0.57 2.48
C PHE A 556 -6.11 0.50 3.70
N LEU A 557 -6.66 0.85 4.88
CA LEU A 557 -5.99 0.56 6.15
C LEU A 557 -6.90 0.13 7.28
N GLY A 558 -6.48 -0.85 8.07
CA GLY A 558 -7.23 -1.34 9.23
C GLY A 558 -6.88 -0.50 10.46
N LEU A 559 -7.47 0.70 10.52
CA LEU A 559 -7.08 1.70 11.51
C LEU A 559 -8.24 2.09 12.43
N ARG A 560 -8.43 1.30 13.48
CA ARG A 560 -9.52 1.48 14.43
C ARG A 560 -9.45 2.79 15.23
N THR A 561 -8.32 3.48 15.21
CA THR A 561 -8.13 4.70 16.02
C THR A 561 -9.12 5.81 15.65
N LEU A 562 -9.25 6.12 14.36
CA LEU A 562 -10.16 7.18 13.95
C LEU A 562 -11.63 6.76 14.03
N THR A 563 -11.87 5.45 14.03
CA THR A 563 -13.21 4.88 14.23
C THR A 563 -13.63 5.00 15.71
N ILE A 564 -12.66 4.86 16.61
CA ILE A 564 -12.89 5.06 18.04
C ILE A 564 -13.29 6.52 18.28
N ILE A 565 -12.41 7.44 17.87
CA ILE A 565 -12.69 8.86 17.94
C ILE A 565 -14.08 9.17 17.39
N ASN A 566 -14.44 8.57 16.27
CA ASN A 566 -15.77 8.72 15.73
C ASN A 566 -16.85 8.35 16.73
N TRP A 567 -16.73 7.15 17.30
CA TRP A 567 -17.77 6.59 18.16
C TRP A 567 -17.96 7.42 19.43
N ALA A 568 -16.84 7.66 20.11
CA ALA A 568 -16.85 8.52 21.28
C ALA A 568 -17.45 9.88 20.96
N LEU A 569 -17.26 10.31 19.73
CA LEU A 569 -17.72 11.62 19.30
C LEU A 569 -19.24 11.61 19.18
N GLU A 570 -19.81 10.52 18.66
CA GLU A 570 -21.26 10.35 18.60
C GLU A 570 -21.82 10.36 20.00
N MSE A 571 -21.10 9.69 20.89
CA MSE A 571 -21.48 9.52 22.28
C MSE A 571 -21.47 10.85 23.01
O MSE A 571 -22.36 11.14 23.81
CB MSE A 571 -20.54 8.52 22.93
CG MSE A 571 -21.17 7.59 23.94
SE MSE A 571 -20.58 5.74 23.68
CE MSE A 571 -18.74 5.99 23.11
N ILE A 572 -20.46 11.68 22.73
CA ILE A 572 -20.39 13.02 23.28
C ILE A 572 -21.48 13.92 22.69
N ASN A 573 -21.68 13.85 21.37
CA ASN A 573 -22.66 14.69 20.69
C ASN A 573 -24.11 14.35 21.03
N LYS A 574 -24.36 13.11 21.42
CA LYS A 574 -25.71 12.72 21.87
C LYS A 574 -26.03 13.24 23.27
N ARG A 575 -24.99 13.38 24.10
CA ARG A 575 -25.12 13.98 25.43
C ARG A 575 -25.44 15.47 25.31
N ARG A 576 -25.15 16.03 24.14
CA ARG A 576 -25.58 17.38 23.76
C ARG A 576 -27.11 17.51 23.67
N ALA A 577 -27.78 16.51 23.10
CA ALA A 577 -29.25 16.53 22.94
C ALA A 577 -29.95 16.72 24.29
N LYS A 578 -29.40 16.09 25.32
CA LYS A 578 -29.85 16.28 26.70
C LYS A 578 -29.43 17.67 27.21
N ASN A 579 -28.15 18.00 27.01
CA ASN A 579 -27.59 19.28 27.43
C ASN A 579 -27.95 20.42 26.46
N GLY A 580 -27.05 20.72 25.52
CA GLY A 580 -27.29 21.69 24.44
C GLY A 580 -27.06 23.15 24.82
N GLU A 581 -25.84 23.68 24.76
CA GLU A 581 -24.57 23.02 24.33
C GLU A 581 -24.60 22.46 22.90
N PRO A 582 -23.92 23.16 21.96
CA PRO A 582 -23.80 22.73 20.56
C PRO A 582 -22.98 21.44 20.43
N PRO A 583 -22.96 20.84 19.21
CA PRO A 583 -22.21 19.60 19.06
C PRO A 583 -20.70 19.88 18.99
N LEU A 584 -19.91 18.85 19.27
CA LEU A 584 -18.47 19.01 19.34
C LEU A 584 -17.82 18.90 17.98
N ASP A 585 -16.75 19.67 17.78
CA ASP A 585 -15.89 19.45 16.64
C ASP A 585 -14.49 19.11 17.07
N ILE A 586 -14.13 17.85 16.98
CA ILE A 586 -12.87 17.39 17.51
C ILE A 586 -11.79 18.32 17.00
N ALA A 587 -12.15 19.15 16.03
CA ALA A 587 -11.18 20.02 15.39
C ALA A 587 -11.05 21.33 16.15
N ALA A 588 -12.11 21.72 16.85
CA ALA A 588 -12.08 22.94 17.62
C ALA A 588 -11.36 22.74 18.95
N ILE A 589 -10.86 21.54 19.18
CA ILE A 589 -10.01 21.28 20.34
C ILE A 589 -8.82 22.25 20.43
N PRO A 590 -8.65 22.92 21.58
CA PRO A 590 -7.41 23.67 21.75
C PRO A 590 -6.28 22.71 22.06
N LEU A 591 -5.11 22.98 21.48
CA LEU A 591 -3.99 22.05 21.56
C LEU A 591 -3.10 22.41 22.73
N ASP A 592 -3.61 23.26 23.61
CA ASP A 592 -2.95 23.65 24.85
C ASP A 592 -3.86 23.46 26.07
N ASP A 593 -4.32 22.22 26.29
CA ASP A 593 -5.23 21.95 27.42
C ASP A 593 -4.52 21.38 28.65
N LYS A 594 -4.48 22.17 29.71
CA LYS A 594 -3.72 21.86 30.93
C LYS A 594 -4.11 20.52 31.53
N LYS A 595 -5.43 20.30 31.65
CA LYS A 595 -5.97 19.08 32.24
C LYS A 595 -5.58 17.83 31.44
N SER A 596 -5.47 17.99 30.11
CA SER A 596 -5.03 16.91 29.24
C SER A 596 -3.52 16.69 29.34
N PHE A 597 -2.77 17.78 29.49
CA PHE A 597 -1.33 17.69 29.59
C PHE A 597 -0.89 17.14 30.94
N ASP A 598 -1.62 17.51 31.99
CA ASP A 598 -1.45 16.91 33.30
C ASP A 598 -1.62 15.40 33.12
N MSE A 599 -2.75 15.01 32.53
CA MSE A 599 -3.09 13.61 32.28
C MSE A 599 -1.96 12.87 31.57
O MSE A 599 -1.64 11.74 31.90
CB MSE A 599 -4.35 13.52 31.43
CG MSE A 599 -5.42 12.61 32.00
SE MSE A 599 -5.98 11.23 30.76
CE MSE A 599 -4.29 10.28 30.62
N LEU A 600 -1.37 13.54 30.59
CA LEU A 600 -0.23 13.02 29.84
C LEU A 600 1.01 12.88 30.72
N GLN A 601 1.32 13.96 31.44
CA GLN A 601 2.49 14.05 32.32
C GLN A 601 2.51 12.99 33.41
N ARG A 602 1.32 12.58 33.86
CA ARG A 602 1.19 11.48 34.81
C ARG A 602 1.54 10.17 34.11
N SER A 603 1.45 10.17 32.79
CA SER A 603 1.75 9.02 31.92
C SER A 603 0.67 7.92 31.90
N GLU A 604 -0.60 8.32 32.02
CA GLU A 604 -1.71 7.35 31.91
C GLU A 604 -2.18 7.28 30.45
N THR A 605 -1.28 6.83 29.58
CA THR A 605 -1.50 6.91 28.14
C THR A 605 -2.03 5.60 27.54
N THR A 606 -2.75 4.82 28.36
CA THR A 606 -3.46 3.64 27.92
C THR A 606 -4.59 4.07 26.97
N ALA A 607 -4.67 3.40 25.81
CA ALA A 607 -5.65 3.74 24.74
C ALA A 607 -5.38 5.07 24.05
N VAL A 608 -4.14 5.56 24.11
CA VAL A 608 -3.86 6.78 23.39
C VAL A 608 -2.81 6.57 22.30
N PHE A 609 -3.23 6.89 21.08
CA PHE A 609 -2.59 6.47 19.85
C PHE A 609 -1.07 6.53 19.89
N GLN A 610 -0.44 5.45 19.44
CA GLN A 610 1.03 5.33 19.33
C GLN A 610 1.72 5.14 20.66
N LEU A 611 1.74 6.21 21.47
CA LEU A 611 2.47 6.22 22.74
C LEU A 611 1.82 5.41 23.89
N GLU A 612 1.21 4.27 23.57
CA GLU A 612 0.70 3.40 24.62
C GLU A 612 1.61 2.19 24.89
N SER A 613 2.76 2.15 24.21
CA SER A 613 3.76 1.10 24.42
C SER A 613 4.38 1.21 25.80
N ARG A 614 5.34 0.33 26.09
CA ARG A 614 6.06 0.34 27.37
C ARG A 614 7.07 1.50 27.41
N GLY A 615 8.07 1.43 26.55
CA GLY A 615 9.17 2.38 26.54
C GLY A 615 8.72 3.82 26.40
N MSE A 616 7.57 4.02 25.75
CA MSE A 616 7.02 5.35 25.54
C MSE A 616 6.54 6.00 26.84
O MSE A 616 6.90 7.14 27.12
CB MSE A 616 5.89 5.31 24.52
CG MSE A 616 6.28 5.91 23.17
SE MSE A 616 6.60 7.83 23.28
CE MSE A 616 6.73 8.25 21.37
N LYS A 617 5.74 5.26 27.61
CA LYS A 617 5.27 5.73 28.91
C LYS A 617 6.43 6.12 29.85
N ASP A 618 7.57 5.45 29.67
CA ASP A 618 8.80 5.73 30.43
C ASP A 618 9.76 6.71 29.72
N LEU A 619 9.22 7.49 28.78
CA LEU A 619 9.94 8.61 28.19
C LEU A 619 9.06 9.84 28.27
N ILE A 620 7.75 9.61 28.28
CA ILE A 620 6.79 10.66 28.63
C ILE A 620 7.14 11.11 30.04
N LYS A 621 7.14 10.17 30.99
CA LYS A 621 7.57 10.40 32.37
C LYS A 621 8.99 10.96 32.44
N ARG A 622 9.90 10.32 31.69
CA ARG A 622 11.31 10.69 31.70
C ARG A 622 11.62 12.08 31.09
N LEU A 623 10.58 12.83 30.71
CA LEU A 623 10.79 14.21 30.25
C LEU A 623 9.61 15.16 30.49
N GLN A 624 8.42 14.61 30.69
CA GLN A 624 7.21 15.39 31.01
C GLN A 624 6.98 16.55 30.02
N PRO A 625 6.31 16.26 28.89
CA PRO A 625 5.93 17.25 27.89
C PRO A 625 4.74 18.11 28.30
N ASP A 626 4.91 19.43 28.29
CA ASP A 626 3.87 20.35 28.76
C ASP A 626 3.10 21.07 27.63
N CYS A 627 3.54 20.87 26.38
CA CYS A 627 2.92 21.52 25.22
C CYS A 627 2.68 20.55 24.05
N PHE A 628 2.00 21.04 23.01
CA PHE A 628 1.72 20.22 21.84
C PHE A 628 2.98 20.01 21.04
N GLU A 629 3.84 21.01 21.07
CA GLU A 629 5.03 21.08 20.21
C GLU A 629 6.04 19.98 20.49
N ASP A 630 6.03 19.43 21.70
CA ASP A 630 6.89 18.28 22.01
C ASP A 630 6.11 16.97 22.05
N MSE A 631 4.79 17.05 21.85
CA MSE A 631 4.02 15.87 21.50
C MSE A 631 4.49 15.38 20.14
O MSE A 631 4.72 14.18 19.94
CB MSE A 631 2.53 16.17 21.45
CG MSE A 631 1.89 16.27 22.80
SE MSE A 631 0.18 15.39 22.83
CE MSE A 631 0.74 13.55 22.56
N ILE A 632 4.65 16.32 19.21
CA ILE A 632 5.24 16.09 17.90
C ILE A 632 6.60 15.41 18.06
N ALA A 633 7.45 16.00 18.90
CA ALA A 633 8.81 15.51 19.14
C ALA A 633 8.86 14.06 19.61
N LEU A 634 7.80 13.61 20.27
CA LEU A 634 7.81 12.33 20.94
C LEU A 634 8.32 11.17 20.08
N VAL A 635 7.61 10.88 18.99
CA VAL A 635 7.89 9.71 18.14
C VAL A 635 9.27 9.79 17.45
N ALA A 636 9.77 11.01 17.30
CA ALA A 636 11.11 11.24 16.77
C ALA A 636 12.18 10.81 17.74
N LEU A 637 11.85 10.90 19.04
CA LEU A 637 12.80 10.57 20.09
C LEU A 637 12.78 9.08 20.38
N PHE A 638 11.59 8.52 20.60
CA PHE A 638 11.46 7.08 20.81
C PHE A 638 11.92 6.31 19.58
N ARG A 639 13.23 6.27 19.39
CA ARG A 639 13.83 5.58 18.26
C ARG A 639 15.20 5.03 18.66
N PRO A 640 15.58 3.88 18.06
CA PRO A 640 16.86 3.23 18.35
C PRO A 640 18.08 4.14 18.14
N GLY A 641 18.07 4.89 17.03
CA GLY A 641 19.20 5.74 16.62
C GLY A 641 19.55 6.92 17.52
N PRO A 642 18.56 7.79 17.83
CA PRO A 642 18.75 8.96 18.71
C PRO A 642 19.36 8.63 20.07
N LEU A 643 18.91 7.55 20.70
CA LEU A 643 19.45 7.13 22.00
C LEU A 643 20.77 6.38 21.91
N GLN A 644 21.02 5.74 20.76
CA GLN A 644 22.30 5.08 20.47
C GLN A 644 23.47 6.07 20.57
N SER A 645 23.28 7.26 19.98
CA SER A 645 24.27 8.33 20.04
C SER A 645 24.24 9.06 21.38
N GLY A 646 23.03 9.29 21.90
CA GLY A 646 22.83 10.01 23.16
C GLY A 646 22.36 11.42 22.91
N MSE A 647 21.31 11.55 22.11
CA MSE A 647 20.78 12.85 21.73
C MSE A 647 19.55 13.20 22.56
O MSE A 647 19.37 14.35 22.96
CB MSE A 647 20.44 12.86 20.23
CG MSE A 647 20.29 14.24 19.62
SE MSE A 647 19.15 14.27 18.04
CE MSE A 647 17.40 14.03 18.89
N VAL A 648 18.71 12.20 22.82
CA VAL A 648 17.50 12.37 23.62
C VAL A 648 17.84 12.89 25.01
N ASP A 649 18.96 12.39 25.55
CA ASP A 649 19.50 12.82 26.83
C ASP A 649 19.66 14.35 26.88
N ASN A 650 20.31 14.90 25.85
CA ASN A 650 20.55 16.33 25.74
C ASN A 650 19.26 17.14 25.68
N PHE A 651 18.20 16.52 25.19
CA PHE A 651 16.91 17.18 25.03
C PHE A 651 16.19 17.34 26.37
N ILE A 652 16.03 16.24 27.10
CA ILE A 652 15.22 16.23 28.31
C ILE A 652 15.77 17.18 29.36
N ASP A 653 17.10 17.23 29.46
CA ASP A 653 17.76 18.23 30.30
C ASP A 653 17.54 19.63 29.77
N ARG A 654 17.52 19.78 28.45
CA ARG A 654 17.62 21.09 27.83
C ARG A 654 16.32 21.87 27.97
N LYS A 655 15.29 21.21 28.49
CA LYS A 655 13.98 21.82 28.62
C LYS A 655 13.87 22.64 29.90
N HIS A 656 13.36 22.02 30.96
CA HIS A 656 13.49 22.57 32.30
C HIS A 656 14.78 23.38 32.44
N GLY A 657 15.91 22.74 32.16
CA GLY A 657 16.25 21.47 32.77
C GLY A 657 17.42 21.64 33.72
N ARG A 658 18.26 20.62 33.81
CA ARG A 658 19.68 20.85 33.67
C ARG A 658 19.86 22.05 32.75
N GLU A 659 20.39 21.81 31.55
CA GLU A 659 21.35 22.72 30.96
C GLU A 659 20.69 23.76 30.05
N GLU A 660 21.47 24.30 29.11
CA GLU A 660 21.35 25.69 28.73
C GLU A 660 20.97 25.75 27.26
N ILE A 661 20.26 26.81 26.87
CA ILE A 661 19.72 26.92 25.53
C ILE A 661 20.75 27.46 24.57
N SER A 662 20.96 26.75 23.47
CA SER A 662 21.86 27.22 22.41
C SER A 662 21.34 26.76 21.04
N TYR A 663 21.65 27.57 20.03
CA TYR A 663 21.04 27.44 18.71
C TYR A 663 22.09 27.25 17.61
N PRO A 664 22.63 26.02 17.46
CA PRO A 664 22.43 24.82 18.26
C PRO A 664 23.48 24.51 19.34
N ASP A 665 24.75 24.36 18.96
CA ASP A 665 25.78 23.82 19.86
C ASP A 665 26.27 24.80 20.94
N VAL A 666 26.91 24.24 21.99
CA VAL A 666 27.38 25.01 23.15
C VAL A 666 28.24 26.21 22.76
N GLN A 667 29.22 25.97 21.88
CA GLN A 667 29.99 27.04 21.27
C GLN A 667 29.31 27.49 19.98
N TRP A 668 29.23 26.58 19.02
CA TRP A 668 28.77 26.87 17.67
C TRP A 668 27.26 27.18 17.62
N GLN A 669 26.94 28.46 17.69
CA GLN A 669 25.56 28.94 17.87
C GLN A 669 25.37 30.29 17.15
N HIS A 670 24.12 30.61 16.81
CA HIS A 670 23.78 31.94 16.32
C HIS A 670 22.46 32.42 16.90
N GLU A 671 22.16 33.70 16.72
CA GLU A 671 21.00 34.32 17.34
C GLU A 671 19.82 34.37 16.38
N SER A 672 20.12 34.49 15.09
CA SER A 672 19.09 34.50 14.05
C SER A 672 18.42 33.14 13.95
N LEU A 673 19.05 32.11 14.53
CA LEU A 673 18.43 30.80 14.65
C LEU A 673 17.38 30.77 15.79
N LYS A 674 17.04 31.97 16.28
CA LYS A 674 15.98 32.22 17.28
C LYS A 674 14.69 31.39 17.11
N PRO A 675 13.78 31.79 16.17
CA PRO A 675 12.43 31.22 16.09
C PRO A 675 12.40 29.81 15.57
N VAL A 676 13.48 29.41 14.90
CA VAL A 676 13.58 28.13 14.21
C VAL A 676 13.79 26.96 15.15
N LEU A 677 14.32 27.23 16.35
CA LEU A 677 14.68 26.17 17.28
C LEU A 677 14.04 26.25 18.68
N GLU A 678 13.36 27.37 18.95
CA GLU A 678 12.65 27.62 20.22
C GLU A 678 11.75 26.44 20.60
N PRO A 679 10.85 26.03 19.68
CA PRO A 679 9.93 24.95 19.98
C PRO A 679 10.61 23.63 20.39
N THR A 680 11.84 23.41 19.91
CA THR A 680 12.54 22.15 20.14
C THR A 680 13.74 22.29 21.10
N TYR A 681 13.70 23.38 21.87
CA TYR A 681 14.64 23.69 22.96
C TYR A 681 16.10 23.75 22.55
N GLY A 682 16.34 24.10 21.29
CA GLY A 682 17.70 24.30 20.79
C GLY A 682 18.12 23.32 19.71
N ILE A 683 18.01 22.03 20.04
CA ILE A 683 18.35 20.92 19.14
C ILE A 683 17.61 20.99 17.81
N ILE A 684 18.32 20.76 16.73
CA ILE A 684 17.68 20.55 15.42
C ILE A 684 17.03 19.19 15.47
N LEU A 685 15.71 19.19 15.57
CA LEU A 685 14.93 17.97 15.74
C LEU A 685 14.45 17.42 14.42
N TYR A 686 14.02 18.34 13.55
CA TYR A 686 13.29 18.03 12.33
C TYR A 686 14.02 18.45 11.08
N GLN A 687 13.59 17.87 9.96
CA GLN A 687 14.07 18.24 8.64
C GLN A 687 13.61 19.65 8.30
N GLU A 688 12.34 19.93 8.52
CA GLU A 688 11.77 21.27 8.37
C GLU A 688 12.68 22.37 8.90
N GLN A 689 13.30 22.09 10.03
CA GLN A 689 14.13 23.06 10.73
C GLN A 689 15.52 23.07 10.14
N VAL A 690 15.89 21.96 9.50
CA VAL A 690 17.21 21.87 8.89
C VAL A 690 17.23 22.63 7.56
N MSE A 691 16.04 22.80 6.99
CA MSE A 691 15.83 23.69 5.86
C MSE A 691 15.81 25.14 6.33
O MSE A 691 16.40 26.02 5.71
CB MSE A 691 14.51 23.37 5.17
CG MSE A 691 14.41 21.95 4.66
SE MSE A 691 12.63 21.53 4.00
CE MSE A 691 12.83 19.61 4.11
N GLN A 692 15.12 25.37 7.46
CA GLN A 692 14.91 26.72 7.97
C GLN A 692 16.22 27.38 8.39
N ILE A 693 17.20 26.59 8.83
CA ILE A 693 18.51 27.19 9.21
C ILE A 693 19.40 27.47 7.99
N ALA A 694 19.14 26.80 6.88
CA ALA A 694 19.74 27.19 5.62
C ALA A 694 19.12 28.53 5.20
N GLN A 695 17.80 28.63 5.39
CA GLN A 695 17.00 29.78 4.97
C GLN A 695 17.31 31.12 5.66
N VAL A 696 17.59 31.10 6.98
CA VAL A 696 17.78 32.36 7.72
C VAL A 696 19.24 32.67 8.07
N LEU A 697 20.10 31.66 8.03
CA LEU A 697 21.52 31.88 8.23
C LEU A 697 22.10 32.30 6.88
N SER A 698 21.84 31.49 5.86
CA SER A 698 22.47 31.68 4.55
C SER A 698 21.51 32.25 3.49
N GLY A 699 20.22 32.10 3.70
CA GLY A 699 19.24 32.67 2.78
C GLY A 699 19.03 31.83 1.55
N TYR A 700 18.39 30.67 1.73
CA TYR A 700 17.85 29.86 0.63
C TYR A 700 16.38 30.19 0.47
N THR A 701 15.87 29.99 -0.74
CA THR A 701 14.45 30.26 -1.03
C THR A 701 13.44 29.26 -0.37
N LEU A 702 13.94 28.39 0.50
CA LEU A 702 13.16 27.25 1.05
C LEU A 702 12.98 26.14 0.03
N GLY A 703 12.45 26.49 -1.14
CA GLY A 703 12.49 25.61 -2.29
C GLY A 703 13.92 25.12 -2.52
N GLY A 704 14.86 26.05 -2.54
CA GLY A 704 16.28 25.72 -2.60
C GLY A 704 16.76 24.95 -1.39
N ALA A 705 16.21 25.29 -0.21
CA ALA A 705 16.57 24.67 1.05
C ALA A 705 16.14 23.21 1.16
N ASP A 706 15.00 22.88 0.54
CA ASP A 706 14.54 21.51 0.46
C ASP A 706 15.50 20.67 -0.38
N MSE A 707 16.28 21.33 -1.23
CA MSE A 707 17.18 20.62 -2.13
C MSE A 707 18.49 20.29 -1.42
O MSE A 707 19.00 19.17 -1.54
CB MSE A 707 17.44 21.40 -3.40
CG MSE A 707 17.57 20.50 -4.58
SE MSE A 707 15.82 19.81 -5.08
CE MSE A 707 15.72 20.54 -6.88
N LEU A 708 19.02 21.28 -0.70
CA LEU A 708 20.20 21.10 0.14
C LEU A 708 19.98 19.89 1.04
N ARG A 709 18.85 19.87 1.74
CA ARG A 709 18.50 18.76 2.62
C ARG A 709 18.56 17.39 1.94
N ARG A 710 18.05 17.33 0.71
CA ARG A 710 18.02 16.07 -0.05
C ARG A 710 19.42 15.71 -0.52
N ALA A 711 20.27 16.72 -0.66
CA ALA A 711 21.67 16.53 -1.02
C ALA A 711 22.41 15.93 0.16
N MSE A 712 22.15 16.47 1.35
CA MSE A 712 22.68 15.93 2.60
C MSE A 712 22.15 14.52 2.82
O MSE A 712 22.73 13.74 3.60
CB MSE A 712 22.28 16.84 3.76
CG MSE A 712 22.55 18.31 3.52
SE MSE A 712 22.49 19.36 5.16
CE MSE A 712 20.58 19.69 5.36
N GLY A 713 21.06 14.21 2.14
CA GLY A 713 20.51 12.87 2.07
C GLY A 713 21.23 12.04 1.02
N LYS A 714 21.40 12.61 -0.17
CA LYS A 714 22.15 11.96 -1.24
C LYS A 714 23.63 12.36 -1.18
N LYS A 715 24.28 11.96 -0.09
CA LYS A 715 25.69 12.27 0.17
C LYS A 715 26.58 11.79 -0.96
N LYS A 716 26.94 12.72 -1.85
CA LYS A 716 28.04 12.50 -2.78
C LYS A 716 28.82 13.81 -2.90
N PRO A 717 30.15 13.75 -2.65
CA PRO A 717 31.08 14.88 -2.56
C PRO A 717 30.75 16.08 -3.47
N GLU A 718 30.62 15.85 -4.78
CA GLU A 718 30.51 16.93 -5.76
C GLU A 718 29.24 17.77 -5.62
N GLU A 719 28.11 17.11 -5.42
CA GLU A 719 26.87 17.80 -5.13
C GLU A 719 26.99 18.58 -3.83
N MSE A 720 27.71 18.01 -2.87
CA MSE A 720 27.83 18.58 -1.52
C MSE A 720 28.90 19.68 -1.39
O MSE A 720 28.75 20.57 -0.56
CB MSE A 720 28.12 17.47 -0.50
CG MSE A 720 26.89 16.64 -0.12
SE MSE A 720 25.49 17.68 0.78
CE MSE A 720 26.53 18.37 2.28
N ALA A 721 29.95 19.59 -2.21
CA ALA A 721 31.02 20.59 -2.22
C ALA A 721 30.52 21.92 -2.80
N LYS A 722 29.76 21.86 -3.88
CA LYS A 722 29.10 23.04 -4.46
C LYS A 722 28.26 23.74 -3.39
N GLN A 723 27.42 22.95 -2.72
CA GLN A 723 26.55 23.46 -1.66
C GLN A 723 27.32 23.89 -0.41
N ARG A 724 28.48 23.28 -0.18
CA ARG A 724 29.33 23.61 0.99
C ARG A 724 29.80 25.07 0.96
N SER A 725 29.94 25.61 -0.25
CA SER A 725 30.37 26.99 -0.41
C SER A 725 29.20 27.93 -0.66
N VAL A 726 28.15 27.46 -1.32
CA VAL A 726 26.95 28.28 -1.57
C VAL A 726 26.36 28.71 -0.23
N PHE A 727 26.53 27.84 0.76
CA PHE A 727 26.17 28.13 2.15
C PHE A 727 27.18 29.11 2.71
N ALA A 728 28.46 28.86 2.44
CA ALA A 728 29.56 29.66 2.98
C ALA A 728 29.67 31.06 2.36
N GLU A 729 29.27 31.19 1.10
CA GLU A 729 29.22 32.49 0.42
C GLU A 729 27.98 33.28 0.83
N GLY A 730 26.84 32.60 0.91
CA GLY A 730 25.57 33.20 1.32
C GLY A 730 25.50 33.62 2.78
N ALA A 731 26.47 33.18 3.58
CA ALA A 731 26.54 33.57 4.98
C ALA A 731 27.02 35.01 5.13
N GLU A 732 27.93 35.41 4.25
CA GLU A 732 28.38 36.78 4.19
C GLU A 732 27.29 37.65 3.54
N LYS A 733 26.66 37.12 2.49
CA LYS A 733 25.60 37.84 1.76
C LYS A 733 24.45 38.28 2.67
N ASN A 734 23.95 37.34 3.49
CA ASN A 734 22.94 37.66 4.49
C ASN A 734 23.53 38.39 5.69
N GLY A 735 24.82 38.16 5.94
CA GLY A 735 25.55 38.83 7.02
C GLY A 735 25.27 38.28 8.41
N ILE A 736 26.31 38.10 9.23
CA ILE A 736 27.70 38.33 8.82
C ILE A 736 28.62 37.12 9.04
N ASN A 737 28.93 36.82 10.30
CA ASN A 737 30.07 35.95 10.68
C ASN A 737 30.13 34.56 10.04
N ALA A 738 31.03 34.43 9.08
CA ALA A 738 31.37 33.14 8.49
C ALA A 738 32.49 32.50 9.32
N GLU A 739 33.17 31.50 8.75
CA GLU A 739 34.08 30.63 9.49
C GLU A 739 33.28 29.77 10.47
N LEU A 740 32.51 30.43 11.34
CA LEU A 740 31.52 29.76 12.19
C LEU A 740 30.59 28.91 11.34
N ALA A 741 30.19 29.46 10.19
CA ALA A 741 29.36 28.77 9.21
C ALA A 741 29.93 27.40 8.85
N MSE A 742 31.18 27.37 8.39
CA MSE A 742 31.84 26.11 8.01
C MSE A 742 32.12 25.18 9.19
O MSE A 742 33.12 24.46 9.20
CB MSE A 742 33.11 26.40 7.21
CG MSE A 742 32.86 26.70 5.73
SE MSE A 742 32.03 25.20 4.79
CE MSE A 742 33.58 24.02 4.73
N LYS A 743 31.21 25.19 10.17
CA LYS A 743 31.28 24.33 11.35
C LYS A 743 29.89 23.98 11.86
N ILE A 744 28.99 24.97 11.82
CA ILE A 744 27.56 24.73 12.08
C ILE A 744 26.95 23.92 10.94
N PHE A 745 27.44 24.17 9.73
CA PHE A 745 27.08 23.42 8.53
C PHE A 745 27.63 21.99 8.56
N ASP A 746 28.84 21.84 9.11
CA ASP A 746 29.47 20.53 9.26
C ASP A 746 28.59 19.60 10.09
N LEU A 747 27.92 20.17 11.11
CA LEU A 747 27.15 19.40 12.08
C LEU A 747 25.62 19.48 11.94
N VAL A 748 25.12 20.47 11.18
CA VAL A 748 23.72 20.46 10.74
C VAL A 748 23.54 19.33 9.72
N GLU A 749 24.65 18.95 9.09
CA GLU A 749 24.69 17.83 8.17
C GLU A 749 24.76 16.50 8.94
N LYS A 750 24.72 16.59 10.27
CA LYS A 750 24.68 15.40 11.13
C LYS A 750 23.66 15.49 12.29
N PHE A 751 22.83 16.53 12.27
CA PHE A 751 21.60 16.59 13.05
C PHE A 751 20.41 16.29 12.13
N ALA A 752 20.70 16.25 10.83
CA ALA A 752 19.71 15.99 9.79
C ALA A 752 19.98 14.67 9.07
N GLY A 753 21.07 14.01 9.44
CA GLY A 753 21.38 12.66 8.96
C GLY A 753 20.23 11.74 9.35
N TYR A 754 19.69 11.98 10.53
CA TYR A 754 18.43 11.37 10.95
C TYR A 754 17.55 12.33 11.76
N GLY A 755 16.87 13.22 11.04
CA GLY A 755 15.85 14.08 11.63
C GLY A 755 14.48 13.65 11.13
N PHE A 756 13.45 13.88 11.94
CA PHE A 756 12.11 13.44 11.59
C PHE A 756 11.42 14.40 10.60
N ASN A 757 10.60 13.85 9.70
CA ASN A 757 9.60 14.63 8.97
C ASN A 757 8.55 15.17 9.94
N LYS A 758 8.70 16.42 10.35
CA LYS A 758 7.82 17.06 11.35
C LYS A 758 6.36 17.13 10.91
N SER A 759 6.12 17.35 9.62
CA SER A 759 4.74 17.43 9.14
C SER A 759 4.07 16.07 9.24
N HIS A 760 4.85 15.02 9.03
CA HIS A 760 4.41 13.66 9.20
C HIS A 760 4.18 13.45 10.69
N SER A 761 5.19 13.82 11.48
CA SER A 761 5.09 13.67 12.91
C SER A 761 3.85 14.33 13.49
N ALA A 762 3.54 15.53 13.02
CA ALA A 762 2.45 16.31 13.60
C ALA A 762 1.10 15.86 13.07
N ALA A 763 1.07 15.28 11.89
CA ALA A 763 -0.15 14.60 11.47
C ALA A 763 -0.61 13.64 12.58
N TYR A 764 0.29 12.76 13.00
CA TYR A 764 -0.06 11.69 13.93
C TYR A 764 -0.24 12.21 15.37
N ALA A 765 0.65 13.11 15.78
CA ALA A 765 0.58 13.76 17.07
C ALA A 765 -0.80 14.35 17.39
N LEU A 766 -1.38 15.05 16.42
CA LEU A 766 -2.73 15.63 16.58
C LEU A 766 -3.79 14.58 16.93
N VAL A 767 -3.78 13.47 16.21
CA VAL A 767 -4.72 12.39 16.46
C VAL A 767 -4.49 11.76 17.83
N SER A 768 -3.23 11.74 18.25
CA SER A 768 -2.86 11.31 19.57
C SER A 768 -3.40 12.32 20.57
N TYR A 769 -3.39 13.58 20.18
CA TYR A 769 -3.72 14.61 21.14
C TYR A 769 -5.21 14.64 21.42
N GLN A 770 -5.98 14.33 20.38
CA GLN A 770 -7.43 14.25 20.51
C GLN A 770 -7.79 13.07 21.40
N THR A 771 -7.09 11.98 21.17
CA THR A 771 -7.25 10.76 21.93
C THR A 771 -6.95 11.04 23.43
N LEU A 772 -5.88 11.80 23.68
CA LEU A 772 -5.51 12.23 25.01
C LEU A 772 -6.63 13.11 25.59
N TRP A 773 -7.00 14.15 24.84
CA TRP A 773 -8.06 15.07 25.22
C TRP A 773 -9.30 14.29 25.58
N LEU A 774 -9.83 13.54 24.61
CA LEU A 774 -11.02 12.75 24.85
C LEU A 774 -11.00 12.02 26.21
N LYS A 775 -9.89 11.37 26.54
CA LYS A 775 -9.73 10.59 27.77
C LYS A 775 -9.79 11.48 29.03
N ALA A 776 -9.15 12.65 28.92
CA ALA A 776 -9.08 13.58 30.02
C ALA A 776 -10.45 14.19 30.22
N HIS A 777 -11.13 14.52 29.13
CA HIS A 777 -12.37 15.28 29.21
C HIS A 777 -13.62 14.41 29.18
N TYR A 778 -13.54 13.32 28.41
CA TYR A 778 -14.69 12.45 28.24
C TYR A 778 -14.37 10.98 28.47
N PRO A 779 -13.86 10.65 29.67
CA PRO A 779 -13.34 9.31 29.97
C PRO A 779 -14.38 8.23 29.70
N ALA A 780 -15.61 8.46 30.15
CA ALA A 780 -16.65 7.45 30.02
C ALA A 780 -16.95 7.10 28.56
N GLU A 781 -17.01 8.11 27.72
CA GLU A 781 -17.34 7.92 26.33
C GLU A 781 -16.16 7.33 25.56
N PHE A 782 -14.98 7.90 25.78
CA PHE A 782 -13.77 7.45 25.13
C PHE A 782 -13.46 6.00 25.43
N MSE A 783 -13.49 5.66 26.73
CA MSE A 783 -13.18 4.30 27.13
C MSE A 783 -14.24 3.37 26.60
O MSE A 783 -13.92 2.28 26.15
CB MSE A 783 -13.06 4.18 28.64
CG MSE A 783 -11.81 4.86 29.20
SE MSE A 783 -10.19 4.31 28.25
CE MSE A 783 -9.62 2.84 29.41
N ALA A 784 -15.49 3.83 26.60
CA ALA A 784 -16.55 3.06 25.97
C ALA A 784 -16.14 2.67 24.55
N ALA A 785 -15.70 3.66 23.77
CA ALA A 785 -15.45 3.47 22.38
C ALA A 785 -14.27 2.54 22.13
N VAL A 786 -13.22 2.70 22.94
CA VAL A 786 -12.01 1.84 22.87
C VAL A 786 -12.39 0.39 23.15
N MSE A 787 -13.38 0.20 24.01
CA MSE A 787 -13.82 -1.12 24.41
C MSE A 787 -14.62 -1.76 23.30
O MSE A 787 -14.58 -2.97 23.11
CB MSE A 787 -14.60 -1.08 25.74
CG MSE A 787 -13.81 -0.44 26.87
SE MSE A 787 -14.52 -0.58 28.69
CE MSE A 787 -14.27 -2.50 28.91
N THR A 788 -15.35 -0.92 22.57
CA THR A 788 -16.11 -1.35 21.40
C THR A 788 -15.17 -1.88 20.30
N ALA A 789 -14.04 -1.21 20.10
CA ALA A 789 -13.07 -1.64 19.09
C ALA A 789 -12.38 -2.96 19.43
N ASP A 790 -12.27 -3.25 20.73
CA ASP A 790 -11.55 -4.44 21.18
C ASP A 790 -12.48 -5.62 21.51
N MSE A 791 -13.77 -5.45 21.25
CA MSE A 791 -14.79 -6.47 21.55
C MSE A 791 -14.53 -7.91 21.14
O MSE A 791 -15.01 -8.82 21.81
CB MSE A 791 -16.11 -6.05 20.98
CG MSE A 791 -17.05 -5.54 22.01
SE MSE A 791 -18.63 -4.73 21.23
CE MSE A 791 -18.57 -5.48 19.40
N ASP A 792 -13.80 -8.14 20.04
CA ASP A 792 -13.38 -9.49 19.66
C ASP A 792 -12.60 -10.18 20.78
N ASN A 793 -11.61 -9.46 21.31
CA ASN A 793 -10.63 -10.02 22.23
C ASN A 793 -11.07 -9.87 23.67
N THR A 794 -11.51 -10.98 24.26
CA THR A 794 -12.04 -10.98 25.61
C THR A 794 -11.02 -10.46 26.62
N GLU A 795 -9.75 -10.79 26.39
CA GLU A 795 -8.68 -10.48 27.34
C GLU A 795 -8.39 -9.00 27.40
N LYS A 796 -8.41 -8.36 26.24
CA LYS A 796 -8.15 -6.92 26.14
C LYS A 796 -9.31 -6.13 26.75
N VAL A 797 -10.52 -6.67 26.62
CA VAL A 797 -11.69 -6.07 27.24
C VAL A 797 -11.58 -6.09 28.78
N VAL A 798 -11.14 -7.20 29.34
CA VAL A 798 -10.99 -7.30 30.78
C VAL A 798 -9.90 -6.34 31.27
N GLY A 799 -8.83 -6.22 30.46
CA GLY A 799 -7.75 -5.28 30.76
C GLY A 799 -8.26 -3.84 30.80
N LEU A 800 -9.21 -3.55 29.91
CA LEU A 800 -9.77 -2.23 29.79
C LEU A 800 -10.71 -1.89 30.93
N VAL A 801 -11.52 -2.86 31.36
CA VAL A 801 -12.41 -2.58 32.48
C VAL A 801 -11.57 -2.27 33.72
N ASP A 802 -10.51 -3.05 33.94
CA ASP A 802 -9.55 -2.81 35.02
C ASP A 802 -9.06 -1.36 34.93
N GLU A 803 -8.57 -0.97 33.75
CA GLU A 803 -8.20 0.42 33.48
C GLU A 803 -9.32 1.39 33.84
N CYS A 804 -10.57 1.06 33.48
CA CYS A 804 -11.71 1.92 33.76
C CYS A 804 -11.88 2.11 35.25
N TRP A 805 -11.69 1.03 35.99
CA TRP A 805 -11.88 1.06 37.41
C TRP A 805 -10.68 1.71 38.07
N ARG A 806 -9.51 1.61 37.44
CA ARG A 806 -8.26 2.20 37.99
C ARG A 806 -8.22 3.69 37.74
N MSE A 807 -8.93 4.15 36.71
CA MSE A 807 -9.05 5.58 36.44
C MSE A 807 -10.31 6.12 37.10
O MSE A 807 -10.61 7.31 37.02
CB MSE A 807 -8.93 5.94 34.93
CG MSE A 807 -9.97 5.32 33.97
SE MSE A 807 -9.46 5.38 32.05
CE MSE A 807 -7.54 5.01 32.23
N GLY A 808 -11.03 5.22 37.77
CA GLY A 808 -12.10 5.58 38.71
C GLY A 808 -13.47 5.74 38.09
N LEU A 809 -13.72 4.99 37.03
CA LEU A 809 -14.98 5.08 36.29
C LEU A 809 -15.86 3.89 36.61
N LYS A 810 -17.16 4.13 36.73
CA LYS A 810 -18.09 3.03 36.91
C LYS A 810 -18.19 2.21 35.62
N ILE A 811 -18.05 0.89 35.75
CA ILE A 811 -18.24 0.00 34.62
C ILE A 811 -19.21 -1.11 35.03
N LEU A 812 -20.33 -1.19 34.31
CA LEU A 812 -21.40 -2.09 34.68
C LEU A 812 -21.34 -3.37 33.84
N PRO A 813 -21.33 -4.54 34.51
CA PRO A 813 -21.30 -5.81 33.80
C PRO A 813 -22.60 -6.02 33.00
N PRO A 814 -22.63 -7.07 32.12
CA PRO A 814 -23.74 -7.28 31.18
C PRO A 814 -25.13 -7.28 31.82
N ASP A 815 -26.03 -6.55 31.20
CA ASP A 815 -27.44 -6.58 31.59
C ASP A 815 -28.29 -6.59 30.34
N ILE A 816 -29.26 -7.50 30.27
CA ILE A 816 -30.11 -7.61 29.09
C ILE A 816 -31.07 -6.43 28.86
N ASN A 817 -31.43 -5.74 29.94
CA ASN A 817 -32.37 -4.61 29.88
C ASN A 817 -31.75 -3.27 29.47
N SER A 818 -30.46 -3.11 29.75
CA SER A 818 -29.78 -1.85 29.51
C SER A 818 -28.79 -1.94 28.33
N GLY A 819 -27.96 -2.98 28.35
CA GLY A 819 -26.87 -3.17 27.41
C GLY A 819 -27.24 -3.05 25.94
N LEU A 820 -26.27 -2.63 25.14
CA LEU A 820 -26.39 -2.58 23.70
C LEU A 820 -25.30 -3.41 23.01
N TYR A 821 -25.16 -3.25 21.71
CA TYR A 821 -24.16 -4.01 20.98
C TYR A 821 -22.76 -3.44 21.27
N HIS A 822 -22.70 -2.11 21.30
CA HIS A 822 -21.48 -1.31 21.16
C HIS A 822 -20.69 -0.97 22.44
N PHE A 823 -21.33 -0.91 23.60
CA PHE A 823 -20.69 -0.24 24.74
C PHE A 823 -21.06 1.23 24.68
N HIS A 824 -21.71 1.74 25.72
CA HIS A 824 -22.01 3.16 25.76
C HIS A 824 -21.95 3.76 27.17
N VAL A 825 -22.60 4.91 27.32
CA VAL A 825 -22.55 5.67 28.55
C VAL A 825 -23.97 5.87 29.15
N ASN A 826 -24.10 5.48 30.43
CA ASN A 826 -25.29 5.75 31.25
C ASN A 826 -25.69 7.20 31.29
N ASP A 827 -26.90 7.45 31.77
CA ASP A 827 -27.35 8.82 32.04
C ASP A 827 -26.61 9.37 33.26
N ASP A 828 -26.00 8.45 34.02
CA ASP A 828 -25.22 8.75 35.22
C ASP A 828 -23.72 8.70 34.93
N GLY A 829 -23.35 8.69 33.64
CA GLY A 829 -21.95 8.61 33.21
C GLY A 829 -21.26 7.31 33.52
N GLU A 830 -22.02 6.21 33.62
CA GLU A 830 -21.43 4.91 33.87
C GLU A 830 -21.37 4.08 32.59
N ILE A 831 -20.23 3.45 32.32
CA ILE A 831 -20.12 2.64 31.10
C ILE A 831 -21.04 1.44 31.20
N VAL A 832 -21.92 1.32 30.21
CA VAL A 832 -22.80 0.15 30.07
C VAL A 832 -22.15 -0.83 29.09
N TYR A 833 -21.96 -2.06 29.58
CA TYR A 833 -21.27 -3.13 28.87
C TYR A 833 -21.89 -3.36 27.51
N GLY A 834 -21.05 -3.68 26.53
CA GLY A 834 -21.53 -3.95 25.18
C GLY A 834 -21.67 -5.45 25.01
N ILE A 835 -22.88 -5.89 24.69
CA ILE A 835 -23.21 -7.33 24.61
C ILE A 835 -22.41 -8.03 23.52
N GLY A 836 -22.02 -7.27 22.51
CA GLY A 836 -21.06 -7.74 21.51
C GLY A 836 -19.84 -8.37 22.13
N ALA A 837 -19.43 -7.83 23.27
CA ALA A 837 -18.25 -8.32 24.00
C ALA A 837 -18.40 -9.71 24.59
N ILE A 838 -19.62 -10.25 24.58
CA ILE A 838 -19.81 -11.64 24.95
C ILE A 838 -19.59 -12.48 23.71
N LYS A 839 -18.36 -12.97 23.58
CA LYS A 839 -17.97 -13.97 22.59
C LYS A 839 -19.10 -14.95 22.38
N GLY A 840 -19.53 -15.10 21.14
CA GLY A 840 -20.51 -16.10 20.78
C GLY A 840 -21.89 -15.57 20.45
N VAL A 841 -22.25 -14.39 20.96
CA VAL A 841 -23.57 -13.82 20.67
C VAL A 841 -23.63 -13.22 19.26
N GLY A 842 -23.03 -12.05 19.05
CA GLY A 842 -22.96 -11.51 17.69
C GLY A 842 -24.12 -10.61 17.32
N GLU A 843 -23.90 -9.83 16.25
CA GLU A 843 -24.78 -8.70 15.89
C GLU A 843 -26.25 -9.06 15.67
N GLY A 844 -26.51 -10.14 14.92
CA GLY A 844 -27.87 -10.58 14.63
C GLY A 844 -28.74 -10.76 15.87
N PRO A 845 -28.41 -11.77 16.70
CA PRO A 845 -29.10 -12.00 17.98
C PRO A 845 -29.22 -10.77 18.89
N ILE A 846 -28.14 -10.02 19.04
CA ILE A 846 -28.21 -8.77 19.80
C ILE A 846 -29.28 -7.89 19.16
N GLU A 847 -29.07 -7.51 17.90
CA GLU A 847 -30.04 -6.72 17.16
C GLU A 847 -31.47 -7.13 17.52
N ALA A 848 -31.75 -8.42 17.35
CA ALA A 848 -33.06 -9.01 17.65
C ALA A 848 -33.56 -8.67 19.06
N ILE A 849 -32.70 -8.86 20.07
CA ILE A 849 -33.06 -8.59 21.46
C ILE A 849 -33.52 -7.16 21.62
N ILE A 850 -32.73 -6.23 21.07
CA ILE A 850 -33.03 -4.81 21.17
C ILE A 850 -34.42 -4.53 20.62
N GLU A 851 -34.66 -4.91 19.35
CA GLU A 851 -35.95 -4.73 18.69
C GLU A 851 -37.13 -5.28 19.47
N ALA A 852 -36.87 -6.27 20.31
CA ALA A 852 -37.91 -6.86 21.15
C ALA A 852 -38.11 -6.04 22.42
N ARG A 853 -37.01 -5.52 22.96
CA ARG A 853 -37.04 -4.65 24.13
C ARG A 853 -37.71 -3.30 23.81
N ASN A 854 -37.45 -2.81 22.60
CA ASN A 854 -38.06 -1.58 22.10
C ASN A 854 -39.51 -1.80 21.67
N LYS A 855 -40.08 -2.95 22.06
CA LYS A 855 -41.43 -3.30 21.66
C LYS A 855 -42.40 -3.39 22.85
N GLY A 856 -41.86 -3.69 24.02
CA GLY A 856 -42.69 -3.76 25.23
C GLY A 856 -41.94 -3.54 26.53
N GLY A 857 -40.97 -2.64 26.53
CA GLY A 857 -40.18 -2.37 27.71
C GLY A 857 -39.23 -3.50 28.05
N TYR A 858 -39.70 -4.43 28.88
CA TYR A 858 -39.42 -5.85 28.68
C TYR A 858 -38.25 -6.30 29.54
N PHE A 859 -38.52 -7.19 30.49
CA PHE A 859 -37.85 -8.48 30.56
C PHE A 859 -37.90 -9.06 31.98
N ARG A 860 -39.07 -9.54 32.37
CA ARG A 860 -39.29 -9.98 33.75
C ARG A 860 -38.19 -10.97 34.17
N GLU A 861 -38.21 -12.15 33.58
CA GLU A 861 -37.17 -13.15 33.82
C GLU A 861 -36.63 -13.70 32.51
N LEU A 862 -36.01 -14.87 32.60
CA LEU A 862 -35.52 -15.61 31.44
C LEU A 862 -36.67 -16.03 30.51
N PHE A 863 -37.78 -16.48 31.11
CA PHE A 863 -38.94 -16.96 30.36
C PHE A 863 -39.54 -15.84 29.52
N ASP A 864 -39.73 -14.69 30.14
CA ASP A 864 -40.33 -13.51 29.49
C ASP A 864 -39.63 -13.16 28.18
N LEU A 865 -38.31 -13.21 28.20
CA LEU A 865 -37.49 -13.01 27.02
C LEU A 865 -37.83 -14.05 25.94
N CYS A 866 -37.42 -15.30 26.17
CA CYS A 866 -37.53 -16.38 25.18
C CYS A 866 -38.89 -16.48 24.53
N ALA A 867 -39.93 -16.21 25.32
CA ALA A 867 -41.31 -16.25 24.89
C ALA A 867 -41.58 -15.16 23.85
N ARG A 868 -41.03 -13.97 24.07
CA ARG A 868 -41.15 -12.92 23.07
C ARG A 868 -40.15 -13.14 21.95
N THR A 869 -38.88 -13.22 22.33
CA THR A 869 -37.80 -13.36 21.37
C THR A 869 -38.09 -14.48 20.37
N ASP A 870 -37.85 -14.19 19.09
CA ASP A 870 -38.04 -15.18 18.05
C ASP A 870 -36.97 -16.26 18.19
N THR A 871 -37.42 -17.48 18.45
CA THR A 871 -36.54 -18.62 18.66
C THR A 871 -35.83 -18.96 17.36
N LYS A 872 -34.61 -19.46 17.49
CA LYS A 872 -33.70 -19.80 16.37
C LYS A 872 -33.12 -18.57 15.65
N LYS A 873 -33.62 -17.38 15.99
CA LYS A 873 -32.86 -16.15 15.81
C LYS A 873 -32.22 -15.84 17.17
N LEU A 874 -32.86 -16.30 18.23
CA LEU A 874 -32.23 -16.39 19.54
C LEU A 874 -31.91 -17.84 19.88
N ASN A 875 -31.03 -18.44 19.06
CA ASN A 875 -30.51 -19.80 19.25
C ASN A 875 -30.24 -20.11 20.73
N ARG A 876 -30.59 -21.32 21.18
CA ARG A 876 -30.31 -21.75 22.55
C ARG A 876 -28.84 -21.52 22.89
N ARG A 877 -28.00 -21.68 21.88
CA ARG A 877 -26.56 -21.43 21.96
C ARG A 877 -26.31 -20.01 22.47
N VAL A 878 -27.11 -19.05 22.02
CA VAL A 878 -26.99 -17.65 22.41
C VAL A 878 -27.55 -17.43 23.81
N LEU A 879 -28.59 -18.17 24.14
CA LEU A 879 -29.20 -18.02 25.45
C LEU A 879 -28.34 -18.54 26.59
N GLU A 880 -27.58 -19.60 26.36
CA GLU A 880 -26.58 -20.07 27.34
C GLU A 880 -25.48 -19.02 27.52
N LYS A 881 -24.86 -18.58 26.43
CA LYS A 881 -23.88 -17.49 26.46
C LYS A 881 -24.41 -16.27 27.21
N LEU A 882 -25.61 -15.83 26.86
CA LEU A 882 -26.24 -14.70 27.57
C LEU A 882 -26.43 -14.96 29.06
N ILE A 883 -26.96 -16.14 29.41
CA ILE A 883 -27.11 -16.53 30.81
C ILE A 883 -25.76 -16.36 31.48
N MSE A 884 -24.76 -17.07 30.94
CA MSE A 884 -23.47 -17.28 31.60
C MSE A 884 -22.54 -16.05 31.69
O MSE A 884 -21.41 -16.15 32.20
CB MSE A 884 -22.75 -18.47 30.94
CG MSE A 884 -21.96 -19.32 31.91
SE MSE A 884 -23.08 -20.46 33.07
CE MSE A 884 -22.72 -22.17 32.15
N SER A 885 -23.01 -14.91 31.21
CA SER A 885 -22.28 -13.66 31.30
C SER A 885 -22.79 -12.83 32.47
N GLY A 886 -24.04 -13.08 32.86
CA GLY A 886 -24.64 -12.39 33.98
C GLY A 886 -25.70 -11.40 33.54
N ALA A 887 -26.25 -11.63 32.35
CA ALA A 887 -27.22 -10.72 31.74
C ALA A 887 -28.54 -10.61 32.51
N PHE A 888 -28.88 -11.67 33.24
CA PHE A 888 -30.16 -11.79 33.95
C PHE A 888 -29.98 -11.85 35.47
N ASP A 889 -28.85 -11.37 35.95
CA ASP A 889 -28.48 -11.53 37.36
C ASP A 889 -29.09 -10.53 38.33
N ARG A 890 -29.63 -9.43 37.81
CA ARG A 890 -30.31 -8.42 38.62
C ARG A 890 -31.79 -8.77 38.85
N LEU A 891 -32.25 -9.77 38.07
CA LEU A 891 -33.67 -10.04 37.81
C LEU A 891 -34.18 -11.44 38.21
N GLY A 892 -33.49 -12.10 39.13
CA GLY A 892 -33.91 -13.42 39.58
C GLY A 892 -32.77 -14.36 39.92
N PRO A 893 -32.85 -15.63 39.46
CA PRO A 893 -31.90 -16.69 39.85
C PRO A 893 -30.50 -16.47 39.28
N HIS A 894 -29.49 -17.03 39.95
CA HIS A 894 -28.11 -16.95 39.49
C HIS A 894 -27.84 -17.91 38.32
N ARG A 895 -26.68 -17.73 37.67
CA ARG A 895 -26.29 -18.50 36.47
C ARG A 895 -26.72 -19.97 36.44
N ALA A 896 -26.18 -20.76 37.38
CA ALA A 896 -26.39 -22.21 37.45
C ALA A 896 -27.87 -22.61 37.40
N ALA A 897 -28.66 -22.02 38.28
CA ALA A 897 -30.10 -22.28 38.39
C ALA A 897 -30.87 -21.99 37.09
N LEU A 898 -30.37 -21.04 36.30
CA LEU A 898 -30.98 -20.70 35.01
C LEU A 898 -30.54 -21.66 33.91
N MSE A 899 -29.37 -22.27 34.08
CA MSE A 899 -28.90 -23.26 33.12
C MSE A 899 -29.65 -24.57 33.27
O MSE A 899 -29.60 -25.44 32.39
CB MSE A 899 -27.38 -23.47 33.25
CG MSE A 899 -26.56 -22.20 32.92
SE MSE A 899 -26.22 -21.79 31.01
CE MSE A 899 -27.97 -22.15 30.21
N ASN A 900 -30.35 -24.71 34.38
CA ASN A 900 -31.20 -25.86 34.63
C ASN A 900 -32.68 -25.49 34.48
N SER A 901 -32.92 -24.20 34.25
CA SER A 901 -34.24 -23.67 33.96
C SER A 901 -34.39 -23.34 32.48
N LEU A 902 -33.27 -23.20 31.79
CA LEU A 902 -33.26 -22.81 30.38
C LEU A 902 -34.08 -23.78 29.51
N GLY A 903 -33.91 -25.08 29.73
CA GLY A 903 -34.65 -26.10 29.00
C GLY A 903 -36.15 -25.84 28.99
N ASP A 904 -36.72 -25.67 30.18
CA ASP A 904 -38.16 -25.44 30.35
C ASP A 904 -38.62 -24.08 29.82
N ALA A 905 -37.81 -23.05 30.09
CA ALA A 905 -38.05 -21.70 29.58
C ALA A 905 -38.25 -21.69 28.07
N LEU A 906 -37.67 -22.68 27.42
CA LEU A 906 -37.61 -22.73 25.97
C LEU A 906 -38.79 -23.53 25.38
N LYS A 907 -39.49 -24.25 26.25
CA LYS A 907 -40.71 -24.97 25.88
C LYS A 907 -41.97 -24.11 26.02
N ALA A 908 -41.95 -23.16 26.96
CA ALA A 908 -43.09 -22.25 27.18
C ALA A 908 -43.20 -21.19 26.08
N ALA A 909 -42.15 -21.09 25.27
CA ALA A 909 -42.09 -20.12 24.18
C ALA A 909 -42.83 -20.60 22.93
N ASP A 910 -42.37 -21.71 22.35
CA ASP A 910 -42.95 -22.23 21.10
C ASP A 910 -44.46 -22.53 21.20
N GLN A 911 -45.27 -21.50 20.96
CA GLN A 911 -46.72 -21.62 21.08
C GLN A 911 -47.41 -21.31 19.77
P PO4 B . 6.76 -23.60 -26.25
O1 PO4 B . 5.84 -23.16 -25.12
O2 PO4 B . 6.92 -25.10 -26.20
O3 PO4 B . 6.14 -23.17 -27.57
O4 PO4 B . 8.16 -23.04 -26.14
P PO4 C . 5.78 -3.46 -4.48
O1 PO4 C . 4.98 -2.98 -5.68
O2 PO4 C . 6.13 -4.93 -4.63
O3 PO4 C . 7.07 -2.69 -4.36
O4 PO4 C . 4.91 -3.26 -3.26
P PO4 D . 1.09 -5.88 -2.97
O1 PO4 D . 0.39 -4.56 -2.65
O2 PO4 D . 0.59 -6.54 -4.22
O3 PO4 D . 2.56 -5.61 -3.24
O4 PO4 D . 0.88 -6.90 -1.86
#